data_8BB3
#
_entry.id   8BB3
#
_cell.length_a   47.572
_cell.length_b   189.858
_cell.length_c   49.723
_cell.angle_alpha   90.000
_cell.angle_beta   117.640
_cell.angle_gamma   90.000
#
_symmetry.space_group_name_H-M   'P 1 21 1'
#
loop_
_entity.id
_entity.type
_entity.pdbx_description
1 polymer Elongin-B
2 polymer Elongin-C
3 polymer 'von Hippel-Lindau disease tumor suppressor'
4 polymer 'WD repeat-containing protein 5'
5 non-polymer 'THIOCYANATE ION'
6 non-polymer 1,2-ETHANEDIOL
7 non-polymer 'HEXAETHYLENE GLYCOL'
8 non-polymer ~{N}-[5-[4-[2-[2-[2-[2-[3-[[3,3-dimethyl-1-[(2~{S},4~{R})-2-[[4-(4-methyl-1,3-thiazol-5-yl)phenyl]methylcarbamoyl]-4-oxidanyl-pyrrolidin-1-yl]-1-oxidanylidene-butan-2-yl]amino]-3-oxidanylidene-propoxy]ethoxy]ethoxy]ethoxy]ethylcarbamoyl]phenyl]-2-(4-methylpiperazin-1-yl)phenyl]-6-oxidanylidene-4-(trifluoromethyl)-3~{H}-pyridine-3-carboxamide
9 water water
#
loop_
_entity_poly.entity_id
_entity_poly.type
_entity_poly.pdbx_seq_one_letter_code
_entity_poly.pdbx_strand_id
1 'polypeptide(L)'
;MDVFLMIRRHKTTIFTDAKESSTVFELKRIVEGILKRPPDEQRLYKDDQLLDDGKTLGECGFTSQTARPQAPATVGLAFR
ADDTFEALCIEPFSSPPELPDVMK
;
J
2 'polypeptide(L)'
;KAMYVKLISSDGHEFIVKREHALTSGTIKAMLSGPGQFAENETNEVNFREIPSHVLSKVCMYFTYKVRYTNSSTEIPEFP
IAPEIALELLMAANFLDC
;
K
3 'polypeptide(L)'
;GSMEAGRPRPVLRSVNSREPSQVIFCNRSPRVVLPVWLNFDGEPQPYPTLPPGTGRRIHSYRGHLWLFRDAGTHDGLLVN
QTELFVPSLNVDGQPIFANITLPVYTLKERCLQVVRSLVKPENYRRLDIVRSLYEDLEDHPNVQKDLERLTQERIAHQRM
GD
;
L
4 'polypeptide(L)'
;MGSSHHHHHHSSGLVPRGSPNYALKFTLAGHTKAVSSVKFSPNGEWLASSSADKLIKIWGAYDGKFEKTISGHKLGISDV
AWSSDSNLLVSASDDKTLKIWDVSSGKCLKTLKGHSNYVFCCNFNPQSNLIVSGSFDESVRIWDVKTGKCLKTLPAHSDP
VSAVHFNRDGSLIVSSSYDGLCRIWDTASGQCLKTLIDDDNPPVSFVKFSPNGKYILAATLDNTLKLWDYSKGKCLKTYT
GHKNEKYCIFANFSVTGGKWIVSGSEDNLVYIWNLQTKEIVQKLQGHTDVVISTACHPTENIIASAALENDKTIKLWKSD
C
;
B
#
loop_
_chem_comp.id
_chem_comp.type
_chem_comp.name
_chem_comp.formula
EDO non-polymer 1,2-ETHANEDIOL 'C2 H6 O2'
P6G non-polymer 'HEXAETHYLENE GLYCOL' 'C12 H26 O7'
Q3X non-polymer ~{N}-[5-[4-[2-[2-[2-[2-[3-[[3,3-dimethyl-1-[(2~{S},4~{R})-2-[[4-(4-methyl-1,3-thiazol-5-yl)phenyl]methylcarbamoyl]-4-oxidanyl-pyrrolidin-1-yl]-1-oxidanylidene-butan-2-yl]amino]-3-oxidanylidene-propoxy]ethoxy]ethoxy]ethoxy]ethylcarbamoyl]phenyl]-2-(4-methylpiperazin-1-yl)phenyl]-6-oxidanylidene-4-(trifluoromethyl)-3~{H}-pyridine-3-carboxamide 'C58 H72 F3 N9 O11 S'
SCN non-polymer 'THIOCYANATE ION' 'C N S -1'
#
# COMPACT_ATOMS: atom_id res chain seq x y z
N MET A 1 -38.01 7.89 -2.48
CA MET A 1 -37.16 8.51 -3.50
C MET A 1 -37.35 10.03 -3.50
N ASP A 2 -36.40 10.75 -2.90
CA ASP A 2 -36.44 12.21 -2.92
C ASP A 2 -36.12 12.76 -4.29
N VAL A 3 -36.75 13.90 -4.63
CA VAL A 3 -36.47 14.62 -5.86
C VAL A 3 -36.13 16.04 -5.47
N PHE A 4 -35.21 16.67 -6.19
CA PHE A 4 -34.70 17.98 -5.85
C PHE A 4 -34.96 18.93 -7.00
N LEU A 5 -35.55 20.09 -6.68
CA LEU A 5 -36.20 20.93 -7.66
C LEU A 5 -35.74 22.38 -7.58
N MET A 6 -35.85 23.07 -8.71
CA MET A 6 -35.77 24.52 -8.74
C MET A 6 -37.12 24.96 -9.30
N ILE A 7 -37.90 25.70 -8.51
CA ILE A 7 -39.18 26.23 -8.99
C ILE A 7 -38.95 27.66 -9.43
N ARG A 8 -39.18 27.98 -10.70
CA ARG A 8 -38.67 29.22 -11.26
C ARG A 8 -39.80 30.04 -11.86
N ARG A 9 -39.83 31.31 -11.52
CA ARG A 9 -40.77 32.26 -12.11
C ARG A 9 -40.05 33.59 -12.22
N HIS A 10 -40.02 34.16 -13.42
CA HIS A 10 -39.42 35.49 -13.65
C HIS A 10 -37.97 35.44 -13.17
N LYS A 11 -37.58 36.25 -12.19
CA LYS A 11 -36.21 36.23 -11.66
C LYS A 11 -36.16 35.63 -10.27
N THR A 12 -37.06 34.71 -9.99
CA THR A 12 -37.12 34.01 -8.71
C THR A 12 -36.95 32.51 -8.92
N THR A 13 -36.10 31.91 -8.08
CA THR A 13 -35.85 30.48 -8.11
C THR A 13 -35.93 29.96 -6.69
N ILE A 14 -36.80 28.99 -6.44
CA ILE A 14 -36.95 28.36 -5.14
C ILE A 14 -36.26 27.00 -5.19
N PHE A 15 -35.41 26.72 -4.20
CA PHE A 15 -34.82 25.38 -4.09
C PHE A 15 -35.62 24.58 -3.07
N THR A 16 -36.19 23.46 -3.50
CA THR A 16 -36.89 22.61 -2.54
C THR A 16 -36.84 21.15 -2.99
N ASP A 17 -37.26 20.27 -2.10
CA ASP A 17 -37.32 18.85 -2.42
C ASP A 17 -38.71 18.30 -2.16
N ALA A 18 -39.00 17.20 -2.82
CA ALA A 18 -40.25 16.46 -2.62
C ALA A 18 -39.94 14.98 -2.91
N LYS A 19 -40.95 14.13 -2.90
CA LYS A 19 -40.82 12.73 -3.27
C LYS A 19 -41.32 12.52 -4.69
N GLU A 20 -40.80 11.46 -5.33
CA GLU A 20 -41.35 11.02 -6.62
C GLU A 20 -42.85 10.75 -6.51
N SER A 21 -43.29 10.32 -5.34
CA SER A 21 -44.69 9.98 -5.11
C SER A 21 -45.54 11.19 -4.76
N SER A 22 -44.91 12.33 -4.41
CA SER A 22 -45.59 13.61 -4.22
C SER A 22 -46.44 13.97 -5.42
N THR A 23 -47.65 14.48 -5.18
CA THR A 23 -48.42 15.01 -6.28
C THR A 23 -47.99 16.44 -6.63
N VAL A 24 -48.30 16.82 -7.87
CA VAL A 24 -48.12 18.20 -8.31
C VAL A 24 -48.86 19.15 -7.38
N PHE A 25 -50.12 18.80 -7.02
CA PHE A 25 -50.84 19.60 -6.04
C PHE A 25 -50.03 19.78 -4.75
N GLU A 26 -49.43 18.70 -4.24
CA GLU A 26 -48.68 18.81 -3.00
C GLU A 26 -47.49 19.73 -3.15
N LEU A 27 -46.92 19.79 -4.35
CA LEU A 27 -45.83 20.72 -4.60
C LEU A 27 -46.33 22.17 -4.54
N LYS A 28 -47.55 22.43 -5.05
CA LYS A 28 -48.12 23.76 -4.91
C LYS A 28 -48.32 24.15 -3.45
N ARG A 29 -48.62 23.18 -2.58
CA ARG A 29 -48.74 23.50 -1.16
C ARG A 29 -47.39 23.91 -0.58
N ILE A 30 -46.32 23.27 -1.04
CA ILE A 30 -44.98 23.71 -0.65
C ILE A 30 -44.73 25.14 -1.10
N VAL A 31 -45.07 25.44 -2.36
CA VAL A 31 -44.85 26.79 -2.88
C VAL A 31 -45.70 27.79 -2.11
N GLU A 32 -46.94 27.40 -1.76
CA GLU A 32 -47.81 28.30 -1.02
C GLU A 32 -47.17 28.77 0.28
N GLY A 33 -46.56 27.84 1.01
CA GLY A 33 -45.91 28.19 2.26
C GLY A 33 -44.83 29.23 2.10
N ILE A 34 -44.11 29.18 0.98
CA ILE A 34 -43.02 30.11 0.74
C ILE A 34 -43.54 31.43 0.16
N LEU A 35 -44.39 31.38 -0.86
CA LEU A 35 -44.76 32.56 -1.63
C LEU A 35 -46.12 33.13 -1.24
N LYS A 36 -46.90 32.41 -0.43
CA LYS A 36 -48.17 32.90 0.10
C LYS A 36 -49.24 33.06 -0.99
N ARG A 37 -49.19 32.26 -2.04
CA ARG A 37 -50.28 32.21 -3.02
C ARG A 37 -50.82 30.80 -3.02
N PRO A 38 -52.15 30.61 -2.92
CA PRO A 38 -52.72 29.27 -2.74
C PRO A 38 -52.59 28.44 -3.99
N PRO A 39 -52.76 27.11 -3.90
CA PRO A 39 -52.55 26.28 -5.09
C PRO A 39 -53.43 26.67 -6.27
N ASP A 40 -54.61 27.23 -6.03
CA ASP A 40 -55.49 27.45 -7.18
C ASP A 40 -55.10 28.72 -7.91
N GLU A 41 -54.12 29.45 -7.39
CA GLU A 41 -53.57 30.60 -8.05
C GLU A 41 -52.21 30.30 -8.66
N GLN A 42 -51.83 29.02 -8.72
CA GLN A 42 -50.55 28.58 -9.27
C GLN A 42 -50.74 27.66 -10.47
N ARG A 43 -49.83 27.77 -11.43
CA ARG A 43 -49.74 26.78 -12.50
C ARG A 43 -48.28 26.34 -12.55
N LEU A 44 -48.07 25.04 -12.60
CA LEU A 44 -46.72 24.49 -12.61
C LEU A 44 -46.46 23.83 -13.96
N TYR A 45 -45.24 23.96 -14.45
CA TYR A 45 -44.86 23.43 -15.75
C TYR A 45 -43.57 22.64 -15.68
N LYS A 46 -43.47 21.65 -16.58
CA LYS A 46 -42.23 20.99 -16.95
C LYS A 46 -41.99 21.32 -18.41
N ASP A 47 -40.90 22.06 -18.65
CA ASP A 47 -40.69 22.70 -19.95
C ASP A 47 -41.94 23.47 -20.35
N ASP A 48 -42.49 23.15 -21.51
CA ASP A 48 -43.68 23.83 -22.01
C ASP A 48 -44.98 23.21 -21.53
N GLN A 49 -44.91 22.12 -20.77
CA GLN A 49 -46.07 21.28 -20.47
C GLN A 49 -46.68 21.67 -19.12
N LEU A 50 -47.94 22.16 -19.16
CA LEU A 50 -48.73 22.41 -17.96
C LEU A 50 -48.94 21.09 -17.23
N LEU A 51 -48.63 21.05 -15.92
CA LEU A 51 -48.70 19.80 -15.16
C LEU A 51 -50.07 19.63 -14.51
N ASP A 52 -50.56 18.41 -14.50
CA ASP A 52 -51.88 18.11 -13.94
C ASP A 52 -51.73 17.90 -12.43
N ASP A 53 -52.53 18.64 -11.65
CA ASP A 53 -52.47 18.64 -10.19
C ASP A 53 -52.44 17.24 -9.58
N GLY A 54 -53.17 16.30 -10.19
CA GLY A 54 -53.33 15.00 -9.59
C GLY A 54 -52.19 14.05 -9.84
N LYS A 55 -51.37 14.33 -10.85
CA LYS A 55 -50.29 13.43 -11.24
C LYS A 55 -49.13 13.54 -10.25
N THR A 56 -48.42 12.42 -10.05
CA THR A 56 -47.28 12.42 -9.15
C THR A 56 -46.07 13.05 -9.84
N LEU A 57 -45.11 13.51 -9.03
CA LEU A 57 -43.91 14.08 -9.66
C LEU A 57 -43.20 13.04 -10.50
N GLY A 58 -43.10 11.80 -9.98
CA GLY A 58 -42.55 10.71 -10.78
C GLY A 58 -43.28 10.52 -12.10
N GLU A 59 -44.62 10.53 -12.06
CA GLU A 59 -45.37 10.37 -13.30
C GLU A 59 -45.10 11.50 -14.29
N CYS A 60 -44.72 12.69 -13.81
CA CYS A 60 -44.32 13.79 -14.67
C CYS A 60 -42.84 13.73 -15.09
N GLY A 61 -42.08 12.73 -14.65
CA GLY A 61 -40.71 12.58 -15.07
C GLY A 61 -39.66 13.20 -14.18
N PHE A 62 -40.01 13.59 -12.96
CA PHE A 62 -39.02 13.98 -11.97
C PHE A 62 -38.64 12.75 -11.15
N THR A 63 -37.45 12.23 -11.38
CA THR A 63 -37.01 11.04 -10.68
C THR A 63 -35.75 11.33 -9.90
N SER A 64 -35.40 10.40 -9.03
CA SER A 64 -34.19 10.57 -8.28
C SER A 64 -32.99 10.66 -9.19
N GLN A 65 -33.08 10.11 -10.40
CA GLN A 65 -31.96 10.20 -11.33
C GLN A 65 -31.95 11.49 -12.15
N THR A 66 -33.07 12.18 -12.31
CA THR A 66 -33.13 13.40 -13.10
C THR A 66 -33.22 14.65 -12.25
N ALA A 67 -33.41 14.51 -10.96
CA ALA A 67 -33.70 15.65 -10.10
C ALA A 67 -32.86 15.42 -8.84
N ARG A 68 -31.60 15.70 -8.93
CA ARG A 68 -30.59 15.36 -7.94
C ARG A 68 -30.18 16.58 -7.13
N PRO A 69 -29.71 16.39 -5.89
CA PRO A 69 -29.34 17.54 -5.08
C PRO A 69 -28.39 18.48 -5.80
N GLN A 70 -27.39 17.92 -6.50
CA GLN A 70 -26.35 18.70 -7.14
C GLN A 70 -26.73 19.13 -8.56
N ALA A 71 -27.88 18.66 -9.08
CA ALA A 71 -28.34 19.04 -10.42
C ALA A 71 -29.86 18.97 -10.44
N PRO A 72 -30.54 19.90 -9.75
CA PRO A 72 -31.99 19.78 -9.59
C PRO A 72 -32.75 20.03 -10.90
N ALA A 73 -33.91 19.39 -11.00
CA ALA A 73 -34.77 19.64 -12.16
C ALA A 73 -35.58 20.93 -11.97
N THR A 74 -35.90 21.58 -13.09
CA THR A 74 -36.62 22.85 -13.09
C THR A 74 -38.12 22.64 -13.27
N VAL A 75 -38.91 23.32 -12.43
CA VAL A 75 -40.37 23.41 -12.55
C VAL A 75 -40.71 24.87 -12.79
N GLY A 76 -41.49 25.15 -13.85
CA GLY A 76 -41.91 26.52 -14.10
C GLY A 76 -43.14 26.88 -13.29
N LEU A 77 -43.24 28.15 -12.91
CA LEU A 77 -44.36 28.60 -12.08
C LEU A 77 -44.98 29.86 -12.71
N ALA A 78 -46.31 29.87 -12.84
CA ALA A 78 -47.03 31.07 -13.25
C ALA A 78 -48.27 31.26 -12.37
N PHE A 79 -48.65 32.53 -12.13
CA PHE A 79 -49.74 32.81 -11.22
C PHE A 79 -51.03 33.09 -12.00
N ARG A 80 -52.14 33.04 -11.28
CA ARG A 80 -53.46 33.39 -11.79
C ARG A 80 -54.13 34.23 -10.71
N ALA A 81 -54.83 35.29 -11.10
CA ALA A 81 -55.65 36.01 -10.14
C ALA A 81 -57.02 36.14 -10.79
N ASP A 82 -58.01 35.51 -10.21
CA ASP A 82 -59.37 35.56 -10.73
C ASP A 82 -59.36 35.08 -12.18
N ASP A 83 -59.70 35.93 -13.16
CA ASP A 83 -59.81 35.50 -14.55
C ASP A 83 -58.56 35.87 -15.37
N THR A 84 -57.52 36.41 -14.72
CA THR A 84 -56.30 36.84 -15.39
C THR A 84 -55.19 35.82 -15.13
N PHE A 85 -54.72 35.18 -16.20
CA PHE A 85 -53.68 34.16 -16.13
C PHE A 85 -52.35 34.76 -16.59
N GLU A 86 -51.31 34.64 -15.80
CA GLU A 86 -50.02 35.08 -16.28
C GLU A 86 -49.35 33.97 -17.11
N ALA A 87 -48.63 34.37 -18.15
CA ALA A 87 -47.96 33.34 -18.94
C ALA A 87 -46.67 32.94 -18.23
N LEU A 88 -46.20 31.74 -18.53
CA LEU A 88 -44.91 31.31 -18.02
C LEU A 88 -43.80 32.17 -18.61
N CYS A 89 -42.97 32.72 -17.75
CA CYS A 89 -41.81 33.49 -18.21
C CYS A 89 -40.71 33.27 -17.20
N ILE A 90 -39.58 32.76 -17.64
CA ILE A 90 -38.44 32.53 -16.75
C ILE A 90 -37.26 33.28 -17.37
N GLU A 91 -36.74 34.26 -16.63
CA GLU A 91 -35.52 34.96 -17.03
C GLU A 91 -34.31 34.03 -16.94
N PRO A 92 -33.52 33.88 -18.01
CA PRO A 92 -32.27 33.10 -17.91
C PRO A 92 -31.26 33.69 -16.94
N PHE A 93 -30.46 32.81 -16.37
CA PHE A 93 -29.31 33.23 -15.57
C PHE A 93 -28.24 33.89 -16.45
N SER A 94 -27.33 34.62 -15.79
CA SER A 94 -26.18 35.19 -16.49
C SER A 94 -25.35 34.09 -17.18
N SER A 95 -24.39 34.52 -18.01
CA SER A 95 -23.50 33.58 -18.71
C SER A 95 -22.07 33.74 -18.20
N PRO A 96 -21.31 32.65 -18.10
CA PRO A 96 -19.91 32.75 -17.77
C PRO A 96 -19.13 33.47 -18.85
N PRO A 97 -17.96 34.01 -18.52
CA PRO A 97 -17.09 34.63 -19.53
C PRO A 97 -16.39 33.57 -20.37
N GLU A 98 -15.63 34.04 -21.35
CA GLU A 98 -14.83 33.13 -22.16
C GLU A 98 -13.90 32.33 -21.25
N LEU A 99 -13.69 31.08 -21.60
CA LEU A 99 -12.81 30.21 -20.86
C LEU A 99 -11.38 30.75 -20.97
N PRO A 100 -10.69 31.01 -19.84
CA PRO A 100 -9.32 31.57 -19.91
C PRO A 100 -8.36 30.70 -20.71
N ASP A 101 -7.40 31.38 -21.34
CA ASP A 101 -6.39 30.74 -22.18
C ASP A 101 -5.79 29.49 -21.55
N VAL A 102 -5.44 29.54 -20.27
CA VAL A 102 -4.70 28.41 -19.67
C VAL A 102 -5.62 27.29 -19.17
N MET A 103 -6.88 27.28 -19.61
CA MET A 103 -7.85 26.21 -19.26
C MET A 103 -8.41 25.47 -20.48
N MET B 3 -38.09 27.82 7.74
CA MET B 3 -37.49 29.11 7.49
C MET B 3 -36.71 29.05 6.17
N TYR B 4 -37.02 29.99 5.30
CA TYR B 4 -36.30 30.22 4.06
C TYR B 4 -35.65 31.59 4.14
N VAL B 5 -34.56 31.75 3.39
CA VAL B 5 -33.91 33.04 3.24
C VAL B 5 -33.86 33.32 1.75
N LYS B 6 -33.67 34.59 1.39
CA LYS B 6 -33.58 34.96 -0.01
C LYS B 6 -32.18 35.48 -0.29
N LEU B 7 -31.50 34.89 -1.26
CA LEU B 7 -30.16 35.31 -1.67
C LEU B 7 -30.26 35.93 -3.05
N ILE B 8 -29.76 37.17 -3.21
CA ILE B 8 -29.97 37.93 -4.44
C ILE B 8 -28.64 38.14 -5.13
N SER B 9 -28.57 37.78 -6.40
CA SER B 9 -27.34 37.82 -7.15
C SER B 9 -27.02 39.24 -7.60
N SER B 10 -25.82 39.43 -8.16
CA SER B 10 -25.44 40.80 -8.56
C SER B 10 -26.37 41.34 -9.64
N ASP B 11 -26.90 40.46 -10.49
CA ASP B 11 -27.81 40.80 -11.57
C ASP B 11 -29.28 40.65 -11.18
N GLY B 12 -29.57 40.56 -9.89
CA GLY B 12 -30.94 40.67 -9.41
C GLY B 12 -31.76 39.40 -9.36
N HIS B 13 -31.17 38.23 -9.61
CA HIS B 13 -31.94 37.00 -9.49
C HIS B 13 -32.07 36.67 -8.01
N GLU B 14 -33.28 36.25 -7.62
CA GLU B 14 -33.61 35.89 -6.25
C GLU B 14 -33.60 34.37 -6.09
N PHE B 15 -32.79 33.88 -5.13
CA PHE B 15 -32.75 32.48 -4.80
C PHE B 15 -33.30 32.25 -3.40
N ILE B 16 -34.39 31.48 -3.32
CA ILE B 16 -35.03 31.20 -2.05
C ILE B 16 -34.60 29.81 -1.59
N VAL B 17 -33.88 29.75 -0.47
CA VAL B 17 -33.30 28.51 0.00
C VAL B 17 -33.58 28.33 1.49
N LYS B 18 -33.58 27.06 1.94
CA LYS B 18 -33.74 26.81 3.36
C LYS B 18 -32.67 27.53 4.17
N ARG B 19 -33.10 28.12 5.29
CA ARG B 19 -32.19 28.86 6.15
C ARG B 19 -31.03 27.97 6.60
N GLU B 20 -31.32 26.72 6.96
CA GLU B 20 -30.28 25.81 7.39
C GLU B 20 -29.24 25.60 6.28
N HIS B 21 -29.70 25.55 5.03
CA HIS B 21 -28.79 25.35 3.91
C HIS B 21 -27.90 26.58 3.70
N ALA B 22 -28.48 27.79 3.74
CA ALA B 22 -27.72 29.01 3.54
C ALA B 22 -26.65 29.16 4.62
N LEU B 23 -26.97 28.71 5.83
CA LEU B 23 -26.04 28.79 6.95
C LEU B 23 -24.86 27.84 6.82
N THR B 24 -24.76 27.07 5.73
CA THR B 24 -23.50 26.44 5.40
C THR B 24 -22.35 27.44 5.32
N SER B 25 -22.65 28.65 4.86
CA SER B 25 -21.67 29.73 4.71
C SER B 25 -21.69 30.63 5.94
N GLY B 26 -20.56 30.70 6.66
CA GLY B 26 -20.45 31.67 7.73
C GLY B 26 -20.57 33.10 7.22
N THR B 27 -20.13 33.36 5.98
CA THR B 27 -20.30 34.70 5.40
C THR B 27 -21.78 35.04 5.27
N ILE B 28 -22.58 34.09 4.78
CA ILE B 28 -24.01 34.38 4.70
C ILE B 28 -24.60 34.55 6.09
N LYS B 29 -24.14 33.76 7.05
CA LYS B 29 -24.67 33.90 8.41
C LYS B 29 -24.43 35.31 8.93
N ALA B 30 -23.24 35.86 8.68
CA ALA B 30 -22.92 37.21 9.13
C ALA B 30 -23.80 38.24 8.44
N MET B 31 -24.03 38.05 7.14
CA MET B 31 -24.78 39.00 6.34
C MET B 31 -26.25 39.00 6.73
N LEU B 32 -26.74 37.86 7.22
CA LEU B 32 -28.11 37.77 7.70
C LEU B 32 -28.29 38.52 9.02
N SER B 33 -27.28 38.49 9.90
CA SER B 33 -27.35 39.22 11.18
C SER B 33 -27.44 40.73 10.98
N THR B 43 -34.69 41.87 7.71
CA THR B 43 -34.89 41.08 6.49
C THR B 43 -34.28 39.69 6.62
N ASN B 44 -34.85 38.74 5.87
CA ASN B 44 -34.25 37.43 5.64
C ASN B 44 -33.62 37.39 4.25
N GLU B 45 -33.03 38.49 3.81
CA GLU B 45 -32.47 38.54 2.47
C GLU B 45 -31.04 39.08 2.50
N VAL B 46 -30.26 38.61 1.54
CA VAL B 46 -28.86 38.95 1.42
C VAL B 46 -28.63 39.37 -0.02
N ASN B 47 -28.06 40.55 -0.22
CA ASN B 47 -27.73 41.01 -1.56
C ASN B 47 -26.24 40.85 -1.79
N PHE B 48 -25.86 40.07 -2.79
CA PHE B 48 -24.45 39.97 -3.18
C PHE B 48 -24.12 41.02 -4.24
N ARG B 49 -22.97 41.65 -4.11
CA ARG B 49 -22.66 42.71 -5.06
C ARG B 49 -21.93 42.20 -6.30
N GLU B 50 -21.21 41.09 -6.20
CA GLU B 50 -20.42 40.63 -7.33
C GLU B 50 -20.68 39.18 -7.72
N ILE B 51 -21.47 38.41 -7.01
CA ILE B 51 -21.74 37.03 -7.39
C ILE B 51 -22.91 37.06 -8.36
N PRO B 52 -22.72 36.69 -9.62
CA PRO B 52 -23.80 36.66 -10.61
C PRO B 52 -24.67 35.42 -10.47
N SER B 53 -25.83 35.46 -11.16
CA SER B 53 -26.85 34.42 -11.00
C SER B 53 -26.33 33.03 -11.38
N HIS B 54 -25.57 32.90 -12.49
CA HIS B 54 -25.14 31.55 -12.85
C HIS B 54 -24.22 30.95 -11.79
N VAL B 55 -23.50 31.77 -11.04
CA VAL B 55 -22.63 31.25 -9.98
C VAL B 55 -23.45 31.01 -8.72
N LEU B 56 -24.27 31.97 -8.34
CA LEU B 56 -25.04 31.81 -7.12
C LEU B 56 -26.00 30.61 -7.22
N SER B 57 -26.52 30.34 -8.41
CA SER B 57 -27.40 29.18 -8.50
C SER B 57 -26.62 27.89 -8.27
N LYS B 58 -25.36 27.85 -8.76
CA LYS B 58 -24.51 26.70 -8.54
C LYS B 58 -24.14 26.54 -7.06
N VAL B 59 -23.97 27.67 -6.36
CA VAL B 59 -23.68 27.64 -4.93
C VAL B 59 -24.87 27.06 -4.17
N CYS B 60 -26.10 27.42 -4.57
CA CYS B 60 -27.25 26.86 -3.88
C CYS B 60 -27.37 25.36 -4.09
N MET B 61 -27.09 24.87 -5.31
CA MET B 61 -26.99 23.42 -5.53
C MET B 61 -25.96 22.77 -4.62
N TYR B 62 -24.83 23.43 -4.41
CA TYR B 62 -23.85 22.90 -3.46
C TYR B 62 -24.44 22.76 -2.07
N PHE B 63 -25.14 23.78 -1.60
CA PHE B 63 -25.75 23.72 -0.27
C PHE B 63 -26.68 22.51 -0.15
N THR B 64 -27.53 22.29 -1.14
CA THR B 64 -28.45 21.15 -1.12
C THR B 64 -27.67 19.85 -1.05
N TYR B 65 -26.70 19.70 -1.94
CA TYR B 65 -25.79 18.56 -1.94
C TYR B 65 -25.10 18.35 -0.60
N LYS B 66 -24.53 19.42 -0.03
CA LYS B 66 -23.79 19.29 1.23
C LYS B 66 -24.69 18.78 2.36
N VAL B 67 -25.88 19.39 2.48
CA VAL B 67 -26.77 19.01 3.58
C VAL B 67 -27.33 17.60 3.37
N ARG B 68 -27.61 17.24 2.11
CA ARG B 68 -28.17 15.91 1.86
C ARG B 68 -27.14 14.82 2.12
N TYR B 69 -25.89 15.02 1.67
CA TYR B 69 -24.91 13.95 1.71
C TYR B 69 -24.04 13.96 2.94
N THR B 70 -24.01 15.05 3.71
CA THR B 70 -23.28 15.03 4.97
C THR B 70 -23.94 14.07 5.96
N ASN B 71 -23.10 13.28 6.64
CA ASN B 71 -23.48 12.30 7.66
C ASN B 71 -24.31 11.15 7.09
N SER B 72 -24.30 10.95 5.77
CA SER B 72 -25.33 10.11 5.17
C SER B 72 -24.98 8.62 5.10
N SER B 73 -23.71 8.24 5.23
CA SER B 73 -23.33 6.81 5.27
C SER B 73 -23.87 6.03 4.06
N THR B 74 -23.93 6.67 2.90
CA THR B 74 -24.36 6.05 1.64
C THR B 74 -23.30 6.41 0.58
N GLU B 75 -23.45 5.87 -0.62
CA GLU B 75 -22.60 6.26 -1.75
C GLU B 75 -22.88 7.70 -2.17
N ILE B 76 -21.82 8.49 -2.32
CA ILE B 76 -21.94 9.94 -2.55
C ILE B 76 -21.53 10.23 -3.99
N PRO B 77 -22.34 10.94 -4.77
CA PRO B 77 -21.95 11.28 -6.13
C PRO B 77 -21.01 12.48 -6.13
N GLU B 78 -20.24 12.60 -7.20
CA GLU B 78 -19.37 13.76 -7.39
C GLU B 78 -20.19 15.04 -7.53
N PHE B 79 -19.70 16.13 -6.96
CA PHE B 79 -20.28 17.44 -7.27
C PHE B 79 -19.71 17.94 -8.59
N PRO B 80 -20.52 18.09 -9.63
CA PRO B 80 -19.99 18.42 -10.94
C PRO B 80 -19.76 19.92 -11.06
N ILE B 81 -18.64 20.29 -11.68
CA ILE B 81 -18.34 21.70 -12.00
C ILE B 81 -17.84 21.75 -13.44
N ALA B 82 -18.54 22.51 -14.30
CA ALA B 82 -18.07 22.68 -15.66
C ALA B 82 -16.85 23.59 -15.70
N PRO B 83 -15.94 23.36 -16.63
CA PRO B 83 -14.77 24.25 -16.77
C PRO B 83 -15.10 25.72 -16.85
N GLU B 84 -16.15 26.07 -17.60
CA GLU B 84 -16.50 27.48 -17.81
C GLU B 84 -16.90 28.19 -16.53
N ILE B 85 -17.35 27.46 -15.52
CA ILE B 85 -17.77 28.13 -14.29
C ILE B 85 -16.73 28.00 -13.17
N ALA B 86 -15.72 27.17 -13.35
CA ALA B 86 -14.89 26.77 -12.20
C ALA B 86 -14.21 27.97 -11.52
N LEU B 87 -13.68 28.91 -12.30
CA LEU B 87 -12.89 29.97 -11.68
C LEU B 87 -13.76 30.94 -10.88
N GLU B 88 -14.94 31.33 -11.42
CA GLU B 88 -15.80 32.19 -10.61
C GLU B 88 -16.39 31.46 -9.42
N LEU B 89 -16.72 30.17 -9.56
CA LEU B 89 -17.20 29.41 -8.42
C LEU B 89 -16.16 29.31 -7.32
N LEU B 90 -14.89 29.13 -7.70
CA LEU B 90 -13.79 29.13 -6.73
C LEU B 90 -13.76 30.45 -5.96
N MET B 91 -13.86 31.56 -6.69
CA MET B 91 -13.86 32.86 -6.05
C MET B 91 -15.04 32.99 -5.12
N ALA B 92 -16.23 32.55 -5.56
CA ALA B 92 -17.40 32.60 -4.68
C ALA B 92 -17.19 31.76 -3.45
N ALA B 93 -16.67 30.53 -3.64
CA ALA B 93 -16.52 29.64 -2.52
C ALA B 93 -15.55 30.22 -1.52
N ASN B 94 -14.50 30.88 -2.01
CA ASN B 94 -13.50 31.47 -1.12
C ASN B 94 -14.09 32.57 -0.27
N PHE B 95 -14.81 33.49 -0.92
CA PHE B 95 -15.53 34.58 -0.25
C PHE B 95 -16.53 34.03 0.75
N LEU B 96 -17.31 33.01 0.35
CA LEU B 96 -18.37 32.47 1.17
C LEU B 96 -17.86 31.52 2.25
N ASP B 97 -16.60 31.10 2.13
CA ASP B 97 -15.96 30.13 3.03
C ASP B 97 -16.86 28.89 3.16
N CYS B 98 -17.12 28.29 2.02
CA CYS B 98 -17.89 27.06 2.05
C CYS B 98 -17.29 25.98 1.16
N GLY C 6 13.02 4.46 23.41
CA GLY C 6 13.70 5.75 23.56
C GLY C 6 12.93 6.87 22.81
N ARG C 7 13.13 6.90 21.49
CA ARG C 7 12.54 7.92 20.62
C ARG C 7 11.04 7.67 20.44
N PRO C 8 10.24 8.72 20.22
CA PRO C 8 8.85 8.48 19.81
C PRO C 8 8.82 7.72 18.49
N ARG C 9 7.84 6.84 18.37
CA ARG C 9 7.46 6.27 17.08
C ARG C 9 6.14 6.91 16.65
N PRO C 10 5.85 6.97 15.35
CA PRO C 10 4.61 7.64 14.92
C PRO C 10 3.39 6.95 15.51
N VAL C 11 2.46 7.76 16.01
CA VAL C 11 1.26 7.12 16.56
C VAL C 11 0.48 6.39 15.47
N LEU C 12 0.50 6.92 14.24
CA LEU C 12 -0.23 6.31 13.12
C LEU C 12 0.68 5.31 12.42
N ARG C 13 0.52 4.03 12.77
CA ARG C 13 1.30 2.93 12.23
C ARG C 13 0.52 1.64 12.51
N SER C 14 0.77 0.62 11.70
CA SER C 14 0.09 -0.65 11.90
C SER C 14 0.70 -1.37 13.11
N VAL C 15 -0.13 -2.16 13.78
CA VAL C 15 0.31 -3.10 14.80
C VAL C 15 0.68 -4.41 14.15
N ASN C 16 1.79 -4.98 14.57
CA ASN C 16 2.22 -6.24 13.96
C ASN C 16 1.52 -7.39 14.68
N SER C 17 0.23 -7.52 14.40
CA SER C 17 -0.60 -8.51 15.10
C SER C 17 -0.31 -9.93 14.64
N ARG C 18 0.00 -10.11 13.37
CA ARG C 18 0.02 -11.42 12.75
C ARG C 18 -1.32 -12.16 12.91
N GLU C 19 -2.43 -11.47 13.20
CA GLU C 19 -3.74 -12.08 13.24
C GLU C 19 -4.50 -11.77 11.94
N PRO C 20 -4.72 -12.74 11.07
CA PRO C 20 -5.30 -12.43 9.76
C PRO C 20 -6.73 -11.86 9.87
N SER C 21 -7.04 -10.98 8.93
CA SER C 21 -8.36 -10.39 8.76
C SER C 21 -8.65 -10.29 7.28
N GLN C 22 -9.79 -10.88 6.86
CA GLN C 22 -10.24 -10.83 5.48
C GLN C 22 -11.13 -9.62 5.31
N VAL C 23 -10.81 -8.82 4.30
CA VAL C 23 -11.47 -7.53 4.12
C VAL C 23 -11.95 -7.45 2.69
N ILE C 24 -13.13 -6.83 2.49
CA ILE C 24 -13.55 -6.41 1.16
C ILE C 24 -13.31 -4.91 1.03
N PHE C 25 -12.39 -4.54 0.14
CA PHE C 25 -12.23 -3.17 -0.33
C PHE C 25 -13.29 -2.92 -1.39
N CYS C 26 -14.24 -2.08 -1.10
CA CYS C 26 -15.37 -1.85 -2.00
C CYS C 26 -15.35 -0.37 -2.42
N ASN C 27 -14.97 -0.12 -3.67
CA ASN C 27 -14.81 1.23 -4.19
C ASN C 27 -16.16 1.76 -4.65
N ARG C 28 -16.86 2.42 -3.73
CA ARG C 28 -18.13 3.13 -3.99
C ARG C 28 -17.91 4.61 -4.28
N SER C 29 -16.87 4.94 -5.03
CA SER C 29 -16.58 6.29 -5.47
C SER C 29 -16.45 6.29 -6.99
N PRO C 30 -16.53 7.45 -7.63
CA PRO C 30 -16.20 7.56 -9.06
C PRO C 30 -14.73 7.69 -9.38
N ARG C 31 -13.84 7.55 -8.40
CA ARG C 31 -12.42 7.78 -8.55
C ARG C 31 -11.71 6.44 -8.69
N VAL C 32 -10.56 6.44 -9.36
CA VAL C 32 -9.63 5.33 -9.19
C VAL C 32 -8.98 5.47 -7.81
N VAL C 33 -9.04 4.40 -7.01
CA VAL C 33 -8.67 4.50 -5.61
C VAL C 33 -7.31 3.85 -5.39
N LEU C 34 -6.45 4.54 -4.67
CA LEU C 34 -5.18 4.00 -4.20
C LEU C 34 -5.31 3.62 -2.76
N PRO C 35 -5.29 2.33 -2.39
CA PRO C 35 -5.19 1.97 -0.97
C PRO C 35 -3.78 2.27 -0.46
N VAL C 36 -3.69 2.84 0.73
CA VAL C 36 -2.40 3.15 1.34
C VAL C 36 -2.31 2.45 2.68
N TRP C 37 -1.29 1.63 2.83
CA TRP C 37 -1.08 0.89 4.06
C TRP C 37 0.00 1.61 4.85
N LEU C 38 -0.26 1.91 6.11
CA LEU C 38 0.83 2.40 6.97
C LEU C 38 1.63 1.22 7.55
N ASN C 39 2.93 1.14 7.25
CA ASN C 39 3.69 -0.03 7.70
C ASN C 39 3.98 0.09 9.20
N PHE C 40 4.78 -0.84 9.74
CA PHE C 40 4.91 -0.87 11.20
C PHE C 40 5.73 0.29 11.75
N ASP C 41 6.44 0.99 10.89
CA ASP C 41 7.14 2.22 11.26
C ASP C 41 6.38 3.46 10.85
N GLY C 42 5.14 3.32 10.36
CA GLY C 42 4.42 4.52 10.04
C GLY C 42 4.64 5.05 8.63
N GLU C 43 5.34 4.34 7.80
CA GLU C 43 5.56 4.81 6.44
C GLU C 43 4.44 4.36 5.53
N PRO C 44 3.82 5.29 4.81
N PRO C 44 3.88 5.28 4.73
CA PRO C 44 2.82 4.91 3.78
CA PRO C 44 2.79 4.91 3.80
C PRO C 44 3.41 4.01 2.72
C PRO C 44 3.31 4.09 2.62
N GLN C 45 2.66 2.96 2.37
CA GLN C 45 2.99 2.06 1.25
C GLN C 45 1.81 1.97 0.31
N PRO C 46 2.00 2.29 -0.98
CA PRO C 46 0.90 2.17 -1.96
C PRO C 46 0.63 0.72 -2.33
N TYR C 47 -0.64 0.41 -2.44
CA TYR C 47 -1.13 -0.90 -2.86
C TYR C 47 -1.84 -0.79 -4.22
N PRO C 48 -2.17 -1.94 -4.86
CA PRO C 48 -2.80 -1.89 -6.20
C PRO C 48 -4.07 -1.06 -6.24
N THR C 49 -4.29 -0.44 -7.36
CA THR C 49 -5.44 0.45 -7.43
C THR C 49 -6.74 -0.31 -7.73
N LEU C 50 -7.85 0.34 -7.38
CA LEU C 50 -9.19 -0.19 -7.61
C LEU C 50 -9.92 0.76 -8.53
N PRO C 51 -10.36 0.29 -9.69
CA PRO C 51 -11.20 1.11 -10.56
C PRO C 51 -12.53 1.47 -9.92
N PRO C 52 -13.18 2.54 -10.38
CA PRO C 52 -14.51 2.88 -9.86
C PRO C 52 -15.49 1.74 -10.11
N GLY C 53 -16.38 1.51 -9.14
CA GLY C 53 -17.43 0.52 -9.28
C GLY C 53 -17.00 -0.92 -9.11
N THR C 54 -15.81 -1.15 -8.54
CA THR C 54 -15.25 -2.48 -8.34
C THR C 54 -14.94 -2.74 -6.88
N GLY C 55 -14.74 -4.00 -6.55
CA GLY C 55 -14.44 -4.37 -5.17
C GLY C 55 -13.64 -5.64 -5.17
N ARG C 56 -12.82 -5.80 -4.13
CA ARG C 56 -11.90 -6.92 -4.06
C ARG C 56 -11.80 -7.46 -2.65
N ARG C 57 -11.77 -8.78 -2.52
CA ARG C 57 -11.52 -9.43 -1.25
C ARG C 57 -10.02 -9.54 -1.05
N ILE C 58 -9.50 -9.00 0.07
CA ILE C 58 -8.06 -8.95 0.29
C ILE C 58 -7.71 -9.43 1.69
N HIS C 59 -6.46 -9.88 1.84
CA HIS C 59 -5.95 -10.38 3.09
C HIS C 59 -5.15 -9.29 3.82
N SER C 60 -5.60 -8.89 5.00
CA SER C 60 -4.89 -7.94 5.84
C SER C 60 -4.80 -8.55 7.24
N TYR C 61 -4.61 -7.70 8.25
CA TYR C 61 -4.38 -8.18 9.63
C TYR C 61 -5.06 -7.26 10.63
N ARG C 62 -5.37 -7.82 11.79
CA ARG C 62 -5.99 -7.04 12.84
C ARG C 62 -5.04 -5.94 13.27
N GLY C 63 -5.56 -4.72 13.46
CA GLY C 63 -4.77 -3.58 13.88
C GLY C 63 -3.90 -2.95 12.82
N HIS C 64 -4.02 -3.36 11.56
CA HIS C 64 -3.33 -2.68 10.49
C HIS C 64 -4.10 -1.43 10.10
N LEU C 65 -3.38 -0.43 9.62
CA LEU C 65 -3.96 0.87 9.34
C LEU C 65 -3.99 1.13 7.85
N TRP C 66 -5.15 1.55 7.32
CA TRP C 66 -5.29 1.85 5.90
C TRP C 66 -5.90 3.22 5.69
N LEU C 67 -5.53 3.86 4.59
CA LEU C 67 -6.16 5.09 4.10
C LEU C 67 -6.35 4.94 2.60
N PHE C 68 -7.19 5.79 2.03
CA PHE C 68 -7.56 5.64 0.62
C PHE C 68 -7.58 7.00 -0.03
N ARG C 69 -6.97 7.08 -1.21
CA ARG C 69 -6.78 8.35 -1.91
C ARG C 69 -7.15 8.17 -3.37
N ASP C 70 -7.45 9.28 -4.05
CA ASP C 70 -7.55 9.23 -5.50
C ASP C 70 -6.17 8.87 -6.08
N ALA C 71 -6.11 7.84 -6.93
CA ALA C 71 -4.80 7.37 -7.36
C ALA C 71 -4.07 8.40 -8.24
N GLY C 72 -4.81 9.23 -8.96
CA GLY C 72 -4.22 10.15 -9.89
C GLY C 72 -3.89 11.51 -9.29
N THR C 73 -4.73 11.98 -8.36
CA THR C 73 -4.59 13.33 -7.79
C THR C 73 -4.21 13.32 -6.32
N HIS C 74 -4.33 12.17 -5.66
CA HIS C 74 -4.15 11.98 -4.22
C HIS C 74 -5.16 12.76 -3.38
N ASP C 75 -6.28 13.23 -3.95
CA ASP C 75 -7.39 13.68 -3.09
C ASP C 75 -7.72 12.63 -2.04
N GLY C 76 -8.05 13.08 -0.82
CA GLY C 76 -8.38 12.14 0.24
C GLY C 76 -9.79 11.58 0.04
N LEU C 77 -9.97 10.31 0.38
CA LEU C 77 -11.28 9.66 0.32
C LEU C 77 -11.68 9.18 1.70
N LEU C 78 -12.93 8.75 1.86
CA LEU C 78 -13.35 8.18 3.13
C LEU C 78 -13.52 6.66 3.04
N VAL C 79 -13.44 6.01 4.18
CA VAL C 79 -13.61 4.55 4.25
C VAL C 79 -14.49 4.32 5.46
N ASN C 80 -15.66 3.69 5.24
CA ASN C 80 -16.67 3.58 6.29
C ASN C 80 -16.90 4.91 7.00
N GLN C 81 -17.05 5.97 6.19
CA GLN C 81 -17.39 7.32 6.63
C GLN C 81 -16.30 7.99 7.46
N THR C 82 -15.06 7.48 7.45
CA THR C 82 -13.98 8.09 8.22
C THR C 82 -12.64 7.94 7.48
N GLU C 83 -11.57 8.50 8.06
CA GLU C 83 -10.34 8.63 7.28
C GLU C 83 -9.52 7.34 7.27
N LEU C 84 -9.52 6.62 8.38
CA LEU C 84 -8.68 5.43 8.58
C LEU C 84 -9.55 4.19 8.70
N PHE C 85 -9.05 3.07 8.20
CA PHE C 85 -9.71 1.77 8.30
C PHE C 85 -8.77 0.82 9.02
N VAL C 86 -9.26 0.19 10.09
CA VAL C 86 -8.46 -0.78 10.87
C VAL C 86 -9.21 -2.11 10.86
N PRO C 87 -8.67 -3.15 10.23
CA PRO C 87 -9.29 -4.48 10.31
C PRO C 87 -9.37 -5.01 11.73
N SER C 88 -10.52 -5.65 12.05
CA SER C 88 -10.76 -6.36 13.29
C SER C 88 -10.85 -7.86 13.00
N LEU C 89 -11.17 -8.66 14.01
CA LEU C 89 -11.27 -10.10 13.79
C LEU C 89 -12.54 -10.40 13.01
N ASN C 90 -12.44 -11.28 12.03
CA ASN C 90 -13.66 -11.75 11.37
C ASN C 90 -14.51 -12.55 12.36
N VAL C 91 -15.83 -12.37 12.29
CA VAL C 91 -16.76 -13.14 13.10
C VAL C 91 -17.62 -14.02 12.18
N ASP C 92 -17.76 -15.30 12.56
CA ASP C 92 -18.73 -16.16 11.89
C ASP C 92 -18.41 -16.31 10.40
N GLY C 93 -17.12 -16.34 10.06
CA GLY C 93 -16.72 -16.49 8.68
C GLY C 93 -17.03 -15.31 7.76
N GLN C 94 -17.29 -14.12 8.31
CA GLN C 94 -17.76 -13.04 7.45
C GLN C 94 -16.64 -12.04 7.18
N PRO C 95 -16.40 -11.63 5.95
CA PRO C 95 -15.36 -10.60 5.71
C PRO C 95 -15.84 -9.25 6.20
N ILE C 96 -14.89 -8.34 6.39
CA ILE C 96 -15.19 -6.98 6.87
C ILE C 96 -15.22 -6.06 5.66
N PHE C 97 -16.29 -5.27 5.53
CA PHE C 97 -16.38 -4.35 4.39
C PHE C 97 -15.67 -3.02 4.71
N ALA C 98 -14.87 -2.56 3.74
CA ALA C 98 -14.25 -1.24 3.77
C ALA C 98 -14.86 -0.50 2.60
N ASN C 99 -15.91 0.26 2.89
CA ASN C 99 -16.69 0.96 1.89
C ASN C 99 -16.03 2.30 1.61
N ILE C 100 -15.42 2.44 0.45
CA ILE C 100 -14.66 3.64 0.12
C ILE C 100 -15.56 4.58 -0.66
N THR C 101 -15.62 5.84 -0.21
CA THR C 101 -16.53 6.79 -0.85
C THR C 101 -15.86 8.16 -0.89
N LEU C 102 -16.44 9.04 -1.68
CA LEU C 102 -16.04 10.44 -1.66
C LEU C 102 -16.43 11.02 -0.31
N PRO C 103 -15.61 11.88 0.25
CA PRO C 103 -16.12 12.77 1.30
C PRO C 103 -17.05 13.79 0.61
N VAL C 104 -17.74 14.52 1.46
CA VAL C 104 -18.40 15.77 1.03
C VAL C 104 -17.33 16.84 1.10
N TYR C 105 -16.68 17.12 0.00
CA TYR C 105 -15.65 18.14 0.01
C TYR C 105 -16.30 19.48 0.22
N THR C 106 -15.57 20.42 0.82
CA THR C 106 -16.01 21.82 0.70
C THR C 106 -16.14 22.21 -0.77
N LEU C 107 -17.01 23.21 -1.04
CA LEU C 107 -17.08 23.70 -2.41
C LEU C 107 -15.73 24.28 -2.86
N LYS C 108 -15.02 24.94 -1.97
CA LYS C 108 -13.70 25.48 -2.30
C LYS C 108 -12.74 24.37 -2.72
N GLU C 109 -12.71 23.28 -1.95
CA GLU C 109 -11.79 22.22 -2.32
C GLU C 109 -12.19 21.58 -3.63
N ARG C 110 -13.50 21.35 -3.83
CA ARG C 110 -13.92 20.80 -5.11
C ARG C 110 -13.50 21.71 -6.26
N CYS C 111 -13.71 23.03 -6.10
CA CYS C 111 -13.27 23.98 -7.13
C CYS C 111 -11.76 23.92 -7.36
N LEU C 112 -11.00 23.82 -6.28
CA LEU C 112 -9.55 23.67 -6.41
C LEU C 112 -9.21 22.39 -7.18
N GLN C 113 -9.93 21.29 -6.89
CA GLN C 113 -9.68 20.05 -7.61
C GLN C 113 -9.92 20.23 -9.10
N VAL C 114 -11.00 20.92 -9.45
CA VAL C 114 -11.31 21.08 -10.86
C VAL C 114 -10.31 22.00 -11.53
N VAL C 115 -10.03 23.15 -10.93
CA VAL C 115 -9.05 24.04 -11.55
C VAL C 115 -7.68 23.36 -11.69
N ARG C 116 -7.29 22.57 -10.70
CA ARG C 116 -6.00 21.87 -10.80
C ARG C 116 -6.03 20.90 -11.98
N SER C 117 -7.18 20.27 -12.24
CA SER C 117 -7.27 19.30 -13.33
C SER C 117 -7.23 19.97 -14.68
N LEU C 118 -7.44 21.29 -14.74
CA LEU C 118 -7.49 21.99 -16.02
C LEU C 118 -6.27 22.85 -16.28
N VAL C 119 -5.52 23.21 -15.25
CA VAL C 119 -4.39 24.15 -15.42
C VAL C 119 -3.10 23.50 -14.92
N LYS C 120 -2.09 23.52 -15.79
CA LYS C 120 -0.75 23.08 -15.41
C LYS C 120 -0.27 23.88 -14.21
N PRO C 121 0.41 23.24 -13.25
CA PRO C 121 0.89 24.01 -12.08
C PRO C 121 1.72 25.23 -12.45
N GLU C 122 2.48 25.14 -13.56
CA GLU C 122 3.28 26.27 -14.02
C GLU C 122 2.42 27.49 -14.31
N ASN C 123 1.16 27.26 -14.69
CA ASN C 123 0.28 28.31 -15.17
C ASN C 123 -0.71 28.81 -14.13
N TYR C 124 -0.70 28.27 -12.91
CA TYR C 124 -1.64 28.75 -11.89
C TYR C 124 -1.59 30.27 -11.78
N ARG C 125 -0.38 30.84 -11.73
CA ARG C 125 -0.27 32.26 -11.44
C ARG C 125 -0.56 33.14 -12.65
N ARG C 126 -0.89 32.53 -13.80
CA ARG C 126 -1.43 33.24 -14.95
C ARG C 126 -2.92 33.54 -14.80
N LEU C 127 -3.61 32.89 -13.87
CA LEU C 127 -5.03 33.13 -13.65
C LEU C 127 -5.21 34.43 -12.89
N ASP C 128 -6.36 35.07 -13.10
CA ASP C 128 -6.57 36.44 -12.61
C ASP C 128 -7.33 36.40 -11.29
N ILE C 129 -6.64 35.92 -10.24
CA ILE C 129 -7.22 35.77 -8.91
C ILE C 129 -6.19 36.21 -7.86
N VAL C 130 -6.66 36.38 -6.63
CA VAL C 130 -5.75 36.83 -5.59
C VAL C 130 -4.65 35.81 -5.30
N ARG C 131 -3.54 36.32 -4.78
CA ARG C 131 -2.38 35.49 -4.49
C ARG C 131 -2.72 34.32 -3.57
N SER C 132 -3.62 34.52 -2.59
CA SER C 132 -3.90 33.44 -1.66
C SER C 132 -4.54 32.23 -2.37
N LEU C 133 -5.29 32.47 -3.45
CA LEU C 133 -5.83 31.36 -4.23
C LEU C 133 -4.73 30.69 -5.05
N TYR C 134 -3.68 31.43 -5.44
CA TYR C 134 -2.53 30.75 -6.05
C TYR C 134 -1.95 29.74 -5.08
N GLU C 135 -1.74 30.18 -3.84
CA GLU C 135 -1.14 29.32 -2.82
C GLU C 135 -2.05 28.14 -2.52
N ASP C 136 -3.36 28.38 -2.49
CA ASP C 136 -4.34 27.30 -2.33
C ASP C 136 -4.23 26.28 -3.44
N LEU C 137 -4.13 26.73 -4.70
CA LEU C 137 -3.99 25.81 -5.81
C LEU C 137 -2.71 24.99 -5.72
N GLU C 138 -1.62 25.64 -5.29
CA GLU C 138 -0.31 25.03 -5.22
C GLU C 138 -0.18 24.05 -4.05
N ASP C 139 -1.10 24.11 -3.08
CA ASP C 139 -1.10 23.26 -1.91
C ASP C 139 -1.79 21.92 -2.19
N HIS C 140 -1.10 21.07 -2.95
CA HIS C 140 -1.77 19.86 -3.44
C HIS C 140 -2.06 18.87 -2.30
N PRO C 141 -3.07 18.02 -2.49
CA PRO C 141 -3.36 16.99 -1.50
C PRO C 141 -2.18 16.05 -1.25
N ASN C 142 -2.12 15.54 -0.03
CA ASN C 142 -0.93 14.81 0.38
C ASN C 142 -1.29 14.00 1.60
N VAL C 143 -1.05 12.68 1.55
CA VAL C 143 -1.41 11.83 2.68
C VAL C 143 -0.76 12.30 3.96
N GLN C 144 0.43 12.93 3.86
CA GLN C 144 1.12 13.39 5.07
C GLN C 144 0.32 14.46 5.81
N LYS C 145 -0.43 15.29 5.09
CA LYS C 145 -1.31 16.26 5.73
C LYS C 145 -2.29 15.58 6.67
N ASP C 146 -2.93 14.53 6.19
CA ASP C 146 -3.95 13.88 6.99
C ASP C 146 -3.32 13.13 8.15
N LEU C 147 -2.13 12.55 7.93
CA LEU C 147 -1.43 11.90 9.03
C LEU C 147 -1.12 12.92 10.13
N GLU C 148 -0.56 14.08 9.75
CA GLU C 148 -0.31 15.14 10.72
C GLU C 148 -1.60 15.55 11.43
N ARG C 149 -2.65 15.83 10.66
CA ARG C 149 -3.89 16.33 11.24
C ARG C 149 -4.50 15.31 12.19
N LEU C 150 -4.55 14.02 11.78
CA LEU C 150 -5.13 13.00 12.64
C LEU C 150 -4.33 12.79 13.90
N THR C 151 -3.01 12.89 13.80
CA THR C 151 -2.17 12.73 14.99
C THR C 151 -2.44 13.86 15.98
N GLN C 152 -2.57 15.09 15.47
CA GLN C 152 -2.86 16.20 16.35
C GLN C 152 -4.22 16.03 17.02
N GLU C 153 -5.23 15.57 16.26
CA GLU C 153 -6.55 15.36 16.84
C GLU C 153 -6.51 14.25 17.89
N ARG C 154 -5.80 13.15 17.64
CA ARG C 154 -5.73 12.07 18.62
C ARG C 154 -5.02 12.50 19.89
N ILE C 155 -4.11 13.47 19.78
CA ILE C 155 -3.42 14.00 20.96
C ILE C 155 -4.36 14.90 21.76
N ALA C 156 -5.26 15.62 21.09
CA ALA C 156 -6.22 16.50 21.74
C ALA C 156 -7.28 15.73 22.52
N HIS C 157 -7.48 14.44 22.23
CA HIS C 157 -8.27 13.55 23.08
C HIS C 157 -7.34 12.72 23.99
N GLN C 158 -6.56 13.44 24.79
CA GLN C 158 -5.66 12.85 25.77
C GLN C 158 -5.26 13.93 26.78
N SER D 19 40.46 -15.86 22.13
CA SER D 19 39.89 -15.04 21.02
C SER D 19 40.72 -15.25 19.75
N PRO D 20 40.08 -15.38 18.57
CA PRO D 20 40.83 -15.55 17.34
C PRO D 20 41.44 -14.21 16.90
N ASN D 21 42.31 -14.26 15.90
CA ASN D 21 42.95 -13.01 15.38
C ASN D 21 42.79 -12.95 13.86
N TYR D 22 41.56 -13.03 13.37
CA TYR D 22 41.37 -12.94 11.94
C TYR D 22 41.79 -11.59 11.44
N ALA D 23 42.47 -11.60 10.31
CA ALA D 23 42.86 -10.38 9.62
C ALA D 23 42.57 -10.50 8.14
N LEU D 24 42.30 -9.36 7.51
CA LEU D 24 42.03 -9.35 6.08
C LEU D 24 43.26 -9.78 5.27
N LYS D 25 43.05 -10.73 4.36
CA LYS D 25 44.10 -11.18 3.45
C LYS D 25 43.86 -10.80 1.99
N PHE D 26 42.63 -11.04 1.46
CA PHE D 26 42.32 -10.72 0.07
C PHE D 26 40.91 -10.19 -0.05
N THR D 27 40.72 -9.30 -1.03
CA THR D 27 39.42 -8.87 -1.51
C THR D 27 39.28 -9.30 -2.95
N LEU D 28 38.15 -9.96 -3.29
CA LEU D 28 37.90 -10.49 -4.63
C LEU D 28 36.80 -9.64 -5.22
N ALA D 29 37.14 -8.86 -6.24
CA ALA D 29 36.21 -7.88 -6.79
C ALA D 29 35.82 -8.24 -8.22
N GLY D 30 35.30 -9.45 -8.43
CA GLY D 30 34.87 -9.85 -9.75
C GLY D 30 33.40 -9.69 -10.12
N HIS D 31 32.50 -9.58 -9.15
CA HIS D 31 31.08 -9.44 -9.46
C HIS D 31 30.71 -7.99 -9.68
N THR D 32 29.62 -7.78 -10.41
CA THR D 32 29.19 -6.43 -10.78
C THR D 32 27.90 -6.02 -10.10
N LYS D 33 27.33 -6.91 -9.27
CA LYS D 33 26.21 -6.61 -8.40
C LYS D 33 26.45 -7.32 -7.06
N ALA D 34 25.46 -7.19 -6.16
CA ALA D 34 25.54 -7.81 -4.84
C ALA D 34 25.96 -9.27 -4.96
N VAL D 35 26.80 -9.71 -4.03
CA VAL D 35 27.22 -11.10 -3.94
C VAL D 35 26.29 -11.73 -2.93
N SER D 36 25.61 -12.81 -3.31
CA SER D 36 24.61 -13.41 -2.43
C SER D 36 25.14 -14.57 -1.57
N SER D 37 26.16 -15.29 -2.00
CA SER D 37 26.53 -16.50 -1.27
C SER D 37 27.98 -16.82 -1.56
N VAL D 38 28.73 -17.21 -0.53
CA VAL D 38 30.03 -17.83 -0.72
C VAL D 38 30.10 -19.15 0.03
N LYS D 39 30.71 -20.15 -0.63
CA LYS D 39 30.85 -21.49 -0.09
C LYS D 39 32.21 -22.08 -0.47
N PHE D 40 32.94 -22.63 0.52
CA PHE D 40 34.18 -23.37 0.26
C PHE D 40 33.88 -24.80 -0.17
N SER D 41 34.64 -25.30 -1.14
CA SER D 41 34.47 -26.66 -1.60
C SER D 41 34.88 -27.62 -0.47
N PRO D 42 34.22 -28.77 -0.36
CA PRO D 42 34.54 -29.68 0.73
C PRO D 42 36.01 -30.08 0.76
N ASN D 43 36.67 -30.18 -0.40
CA ASN D 43 38.09 -30.52 -0.41
C ASN D 43 39.02 -29.34 -0.07
N GLY D 44 38.50 -28.15 0.26
CA GLY D 44 39.30 -27.04 0.70
C GLY D 44 39.92 -26.22 -0.40
N GLU D 45 39.82 -26.63 -1.66
CA GLU D 45 40.61 -26.02 -2.73
C GLU D 45 39.99 -24.75 -3.26
N TRP D 46 38.67 -24.62 -3.22
CA TRP D 46 38.02 -23.57 -3.98
C TRP D 46 37.03 -22.79 -3.13
N LEU D 47 36.72 -21.60 -3.61
CA LEU D 47 35.60 -20.82 -3.11
C LEU D 47 34.61 -20.55 -4.24
N ALA D 48 33.35 -20.99 -4.09
CA ALA D 48 32.32 -20.57 -5.04
C ALA D 48 31.59 -19.32 -4.54
N SER D 49 31.33 -18.38 -5.44
CA SER D 49 30.49 -17.23 -5.12
C SER D 49 29.34 -17.12 -6.11
N SER D 50 28.21 -16.61 -5.63
CA SER D 50 27.05 -16.34 -6.47
C SER D 50 26.62 -14.89 -6.28
N SER D 51 25.87 -14.34 -7.25
CA SER D 51 25.61 -12.91 -7.25
C SER D 51 24.32 -12.58 -7.96
N ALA D 52 23.75 -11.42 -7.60
CA ALA D 52 22.67 -10.78 -8.36
C ALA D 52 23.03 -10.55 -9.82
N ASP D 53 24.32 -10.60 -10.19
CA ASP D 53 24.71 -10.42 -11.59
C ASP D 53 24.56 -11.70 -12.40
N LYS D 54 23.91 -12.74 -11.86
CA LYS D 54 23.55 -13.98 -12.56
C LYS D 54 24.73 -14.89 -12.83
N LEU D 55 25.87 -14.66 -12.19
CA LEU D 55 27.08 -15.44 -12.44
C LEU D 55 27.49 -16.17 -11.18
N ILE D 56 28.08 -17.33 -11.37
CA ILE D 56 28.85 -18.01 -10.33
C ILE D 56 30.32 -17.85 -10.67
N LYS D 57 31.15 -17.58 -9.66
CA LYS D 57 32.59 -17.52 -9.89
C LYS D 57 33.32 -18.44 -8.92
N ILE D 58 34.42 -18.98 -9.40
CA ILE D 58 35.20 -19.95 -8.65
C ILE D 58 36.56 -19.32 -8.40
N TRP D 59 37.03 -19.41 -7.16
CA TRP D 59 38.26 -18.75 -6.74
C TRP D 59 39.14 -19.76 -6.03
N GLY D 60 40.45 -19.54 -6.10
CA GLY D 60 41.33 -20.30 -5.24
C GLY D 60 41.05 -19.96 -3.80
N ALA D 61 40.90 -20.99 -2.97
CA ALA D 61 40.49 -20.77 -1.59
C ALA D 61 41.59 -20.14 -0.77
N TYR D 62 42.85 -20.38 -1.15
CA TYR D 62 43.96 -19.96 -0.31
C TYR D 62 44.58 -18.64 -0.75
N ASP D 63 44.45 -18.26 -2.02
CA ASP D 63 45.08 -17.08 -2.58
C ASP D 63 44.11 -16.19 -3.33
N GLY D 64 42.81 -16.51 -3.30
CA GLY D 64 41.82 -15.68 -3.96
C GLY D 64 41.97 -15.54 -5.46
N LYS D 65 42.70 -16.45 -6.10
CA LYS D 65 42.95 -16.34 -7.53
C LYS D 65 41.72 -16.75 -8.33
N PHE D 66 41.23 -15.86 -9.18
CA PHE D 66 40.11 -16.17 -10.06
C PHE D 66 40.37 -17.42 -10.89
N GLU D 67 39.37 -18.31 -10.95
CA GLU D 67 39.57 -19.58 -11.65
C GLU D 67 38.66 -19.73 -12.86
N LYS D 68 37.36 -19.43 -12.72
CA LYS D 68 36.45 -19.41 -13.86
C LYS D 68 35.13 -18.78 -13.47
N THR D 69 34.38 -18.35 -14.50
CA THR D 69 33.02 -17.89 -14.39
C THR D 69 32.09 -18.99 -14.89
N ILE D 70 30.91 -19.08 -14.27
CA ILE D 70 29.88 -20.06 -14.64
C ILE D 70 28.57 -19.32 -14.89
N SER D 71 28.03 -19.45 -16.10
CA SER D 71 26.89 -18.66 -16.52
C SER D 71 25.79 -19.54 -17.12
N GLY D 72 24.58 -19.01 -17.10
CA GLY D 72 23.42 -19.72 -17.63
C GLY D 72 22.09 -19.35 -16.99
N HIS D 73 22.12 -18.84 -15.76
CA HIS D 73 20.86 -18.37 -15.16
C HIS D 73 20.40 -17.05 -15.80
N LYS D 74 19.07 -16.88 -15.88
CA LYS D 74 18.49 -15.72 -16.54
C LYS D 74 18.25 -14.54 -15.61
N LEU D 75 18.26 -14.78 -14.29
CA LEU D 75 18.09 -13.74 -13.28
C LEU D 75 19.12 -13.99 -12.19
N GLY D 76 19.08 -13.15 -11.16
CA GLY D 76 20.09 -13.26 -10.10
C GLY D 76 20.10 -14.60 -9.42
N ILE D 77 21.25 -14.93 -8.84
CA ILE D 77 21.44 -16.16 -8.10
C ILE D 77 21.45 -15.82 -6.62
N SER D 78 20.65 -16.56 -5.85
CA SER D 78 20.58 -16.45 -4.41
C SER D 78 21.62 -17.30 -3.64
N ASP D 79 21.97 -18.48 -4.14
CA ASP D 79 22.65 -19.47 -3.32
C ASP D 79 23.37 -20.44 -4.25
N VAL D 80 24.47 -21.03 -3.74
CA VAL D 80 25.21 -22.11 -4.39
C VAL D 80 25.64 -23.10 -3.30
N ALA D 81 25.85 -24.35 -3.71
CA ALA D 81 26.28 -25.39 -2.77
C ALA D 81 27.05 -26.44 -3.55
N TRP D 82 28.01 -27.09 -2.88
CA TRP D 82 28.91 -28.09 -3.45
C TRP D 82 28.45 -29.51 -3.13
N SER D 83 28.78 -30.42 -4.04
CA SER D 83 28.59 -31.85 -3.76
C SER D 83 29.70 -32.29 -2.81
N SER D 84 29.54 -33.44 -2.19
CA SER D 84 30.52 -33.92 -1.19
C SER D 84 31.89 -34.18 -1.83
N ASP D 85 31.93 -34.47 -3.12
CA ASP D 85 33.21 -34.79 -3.83
C ASP D 85 33.77 -33.52 -4.49
N SER D 86 33.14 -32.38 -4.28
CA SER D 86 33.66 -31.09 -4.80
C SER D 86 33.59 -31.02 -6.34
N ASN D 87 32.83 -31.91 -6.98
CA ASN D 87 32.77 -31.96 -8.47
C ASN D 87 31.53 -31.26 -9.03
N LEU D 88 30.48 -31.14 -8.23
CA LEU D 88 29.26 -30.52 -8.70
C LEU D 88 28.93 -29.32 -7.84
N LEU D 89 28.28 -28.35 -8.46
CA LEU D 89 27.63 -27.23 -7.77
C LEU D 89 26.14 -27.25 -8.09
N VAL D 90 25.31 -26.89 -7.13
CA VAL D 90 23.95 -26.50 -7.46
C VAL D 90 23.77 -25.03 -7.12
N SER D 91 22.97 -24.34 -7.93
CA SER D 91 22.62 -22.94 -7.74
C SER D 91 21.11 -22.75 -7.66
N ALA D 92 20.68 -21.77 -6.85
CA ALA D 92 19.27 -21.38 -6.69
C ALA D 92 19.09 -19.96 -7.20
N SER D 93 18.14 -19.75 -8.13
CA SER D 93 17.98 -18.47 -8.81
C SER D 93 16.57 -17.88 -8.73
N ASP D 94 16.55 -16.54 -8.87
CA ASP D 94 15.33 -15.74 -9.09
C ASP D 94 14.60 -16.19 -10.34
N ASP D 95 15.24 -16.93 -11.23
CA ASP D 95 14.52 -17.35 -12.43
C ASP D 95 13.65 -18.58 -12.18
N LYS D 96 13.46 -18.98 -10.92
CA LYS D 96 12.59 -20.08 -10.47
C LYS D 96 13.22 -21.43 -10.67
N THR D 97 14.46 -21.51 -11.14
CA THR D 97 15.11 -22.79 -11.35
C THR D 97 16.29 -22.97 -10.43
N LEU D 98 16.73 -24.21 -10.38
CA LEU D 98 18.07 -24.54 -9.91
C LEU D 98 18.80 -25.20 -11.06
N LYS D 99 20.12 -25.06 -11.06
CA LYS D 99 20.99 -25.67 -12.04
C LYS D 99 22.05 -26.47 -11.33
N ILE D 100 22.32 -27.66 -11.84
CA ILE D 100 23.45 -28.48 -11.41
C ILE D 100 24.53 -28.29 -12.45
N TRP D 101 25.76 -28.06 -11.98
CA TRP D 101 26.88 -27.69 -12.84
C TRP D 101 28.03 -28.64 -12.63
N ASP D 102 28.77 -28.90 -13.72
CA ASP D 102 30.07 -29.55 -13.60
C ASP D 102 31.10 -28.47 -13.34
N VAL D 103 31.73 -28.51 -12.16
CA VAL D 103 32.66 -27.44 -11.79
C VAL D 103 33.84 -27.39 -12.76
N SER D 104 34.39 -28.55 -13.12
CA SER D 104 35.55 -28.61 -14.01
C SER D 104 35.27 -27.92 -15.33
N SER D 105 34.17 -28.28 -15.98
CA SER D 105 33.84 -27.70 -17.28
C SER D 105 33.01 -26.43 -17.19
N GLY D 106 32.27 -26.25 -16.10
CA GLY D 106 31.28 -25.20 -16.10
C GLY D 106 29.99 -25.58 -16.79
N LYS D 107 29.83 -26.83 -17.20
CA LYS D 107 28.66 -27.21 -17.98
C LYS D 107 27.44 -27.40 -17.10
N CYS D 108 26.31 -26.83 -17.49
CA CYS D 108 25.02 -27.06 -16.81
C CYS D 108 24.53 -28.47 -17.11
N LEU D 109 24.61 -29.37 -16.12
CA LEU D 109 24.19 -30.76 -16.32
C LEU D 109 22.68 -30.94 -16.25
N LYS D 110 21.97 -30.11 -15.46
CA LYS D 110 20.54 -30.24 -15.27
C LYS D 110 19.97 -28.88 -14.87
N THR D 111 18.74 -28.61 -15.30
CA THR D 111 17.97 -27.48 -14.79
C THR D 111 16.76 -28.03 -14.05
N LEU D 112 16.62 -27.70 -12.75
CA LEU D 112 15.57 -28.26 -11.91
C LEU D 112 14.39 -27.32 -11.93
N LYS D 113 13.32 -27.76 -12.58
CA LYS D 113 12.14 -26.95 -12.80
C LYS D 113 11.00 -27.52 -11.97
N GLY D 114 10.30 -26.65 -11.26
CA GLY D 114 9.21 -27.06 -10.42
C GLY D 114 8.75 -25.98 -9.48
N HIS D 115 9.67 -25.21 -8.88
CA HIS D 115 9.22 -24.10 -8.08
C HIS D 115 8.47 -23.09 -8.93
N SER D 116 7.58 -22.35 -8.28
CA SER D 116 6.75 -21.38 -8.99
C SER D 116 7.08 -19.95 -8.57
N ASN D 117 8.24 -19.76 -7.90
CA ASN D 117 8.73 -18.42 -7.68
C ASN D 117 10.21 -18.55 -7.33
N TYR D 118 10.84 -17.43 -6.97
CA TYR D 118 12.29 -17.40 -6.78
C TYR D 118 12.75 -18.54 -5.89
N VAL D 119 13.90 -19.14 -6.20
CA VAL D 119 14.48 -20.14 -5.31
C VAL D 119 15.62 -19.46 -4.56
N PHE D 120 15.57 -19.52 -3.23
CA PHE D 120 16.50 -18.79 -2.38
C PHE D 120 17.64 -19.62 -1.82
N CYS D 121 17.46 -20.94 -1.70
CA CYS D 121 18.45 -21.72 -0.98
C CYS D 121 18.50 -23.16 -1.49
N CYS D 122 19.67 -23.78 -1.35
CA CYS D 122 19.90 -25.12 -1.89
C CYS D 122 21.03 -25.81 -1.15
N ASN D 123 21.00 -27.14 -1.18
CA ASN D 123 22.06 -27.96 -0.60
C ASN D 123 22.00 -29.40 -1.14
N PHE D 124 23.17 -30.02 -1.30
CA PHE D 124 23.25 -31.47 -1.48
C PHE D 124 23.09 -32.19 -0.15
N ASN D 125 22.66 -33.45 -0.20
CA ASN D 125 22.82 -34.26 0.98
C ASN D 125 24.25 -34.82 1.02
N PRO D 126 24.66 -35.37 2.15
CA PRO D 126 26.03 -35.94 2.25
C PRO D 126 26.34 -37.01 1.19
N GLN D 127 25.40 -37.89 0.88
CA GLN D 127 25.62 -38.82 -0.23
C GLN D 127 25.69 -38.09 -1.56
N SER D 128 25.08 -36.91 -1.64
CA SER D 128 25.00 -36.07 -2.85
C SER D 128 24.25 -36.74 -3.99
N ASN D 129 23.33 -37.65 -3.66
CA ASN D 129 22.36 -38.12 -4.63
C ASN D 129 21.06 -37.31 -4.62
N LEU D 130 20.88 -36.44 -3.61
CA LEU D 130 19.71 -35.57 -3.48
C LEU D 130 20.12 -34.11 -3.38
N ILE D 131 19.23 -33.22 -3.83
CA ILE D 131 19.30 -31.78 -3.58
C ILE D 131 18.02 -31.34 -2.88
N VAL D 132 18.16 -30.49 -1.86
CA VAL D 132 17.03 -29.78 -1.27
C VAL D 132 17.07 -28.30 -1.61
N SER D 133 15.90 -27.72 -1.83
CA SER D 133 15.73 -26.33 -2.20
C SER D 133 14.61 -25.70 -1.39
N GLY D 134 14.69 -24.39 -1.20
CA GLY D 134 13.63 -23.62 -0.57
C GLY D 134 13.33 -22.37 -1.38
N SER D 135 12.04 -21.98 -1.40
CA SER D 135 11.57 -20.98 -2.36
C SER D 135 10.64 -19.96 -1.70
N PHE D 136 10.56 -18.81 -2.36
CA PHE D 136 9.55 -17.83 -2.03
C PHE D 136 8.15 -18.42 -2.15
N ASP D 137 7.98 -19.42 -3.01
CA ASP D 137 6.68 -20.10 -3.14
C ASP D 137 6.28 -20.90 -1.89
N GLU D 138 7.08 -20.87 -0.82
CA GLU D 138 6.76 -21.44 0.51
C GLU D 138 6.92 -22.95 0.52
N SER D 139 7.48 -23.55 -0.51
CA SER D 139 7.78 -24.96 -0.47
C SER D 139 9.27 -25.27 -0.29
N VAL D 140 9.50 -26.48 0.21
CA VAL D 140 10.79 -27.16 0.21
C VAL D 140 10.66 -28.30 -0.78
N ARG D 141 11.61 -28.41 -1.70
CA ARG D 141 11.57 -29.49 -2.66
C ARG D 141 12.83 -30.35 -2.55
N ILE D 142 12.64 -31.64 -2.80
CA ILE D 142 13.71 -32.64 -2.82
C ILE D 142 13.83 -33.17 -4.24
N TRP D 143 15.04 -33.08 -4.77
CA TRP D 143 15.36 -33.44 -6.13
C TRP D 143 16.33 -34.60 -6.20
N ASP D 144 16.12 -35.42 -7.23
CA ASP D 144 17.07 -36.44 -7.65
C ASP D 144 18.19 -35.83 -8.48
N VAL D 145 19.43 -36.00 -8.01
CA VAL D 145 20.58 -35.40 -8.68
C VAL D 145 20.79 -36.06 -10.04
N LYS D 146 20.63 -37.38 -10.11
CA LYS D 146 20.97 -38.10 -11.33
C LYS D 146 20.01 -37.77 -12.47
N THR D 147 18.70 -37.69 -12.19
CA THR D 147 17.70 -37.48 -13.24
C THR D 147 17.24 -36.04 -13.34
N GLY D 148 17.35 -35.26 -12.25
CA GLY D 148 16.81 -33.92 -12.21
C GLY D 148 15.32 -33.84 -11.89
N LYS D 149 14.67 -34.96 -11.60
CA LYS D 149 13.24 -34.96 -11.29
C LYS D 149 13.02 -34.48 -9.85
N CYS D 150 11.94 -33.72 -9.66
CA CYS D 150 11.50 -33.43 -8.31
C CYS D 150 10.86 -34.67 -7.68
N LEU D 151 11.41 -35.08 -6.53
CA LEU D 151 10.88 -36.30 -5.92
C LEU D 151 9.73 -36.01 -4.96
N LYS D 152 9.84 -34.93 -4.20
CA LYS D 152 8.83 -34.58 -3.23
C LYS D 152 8.78 -33.08 -3.13
N THR D 153 7.58 -32.58 -2.86
CA THR D 153 7.32 -31.18 -2.56
C THR D 153 6.69 -31.10 -1.17
N LEU D 154 7.34 -30.37 -0.28
CA LEU D 154 6.97 -30.32 1.13
C LEU D 154 6.36 -28.96 1.41
N PRO D 155 5.06 -28.86 1.68
CA PRO D 155 4.42 -27.55 1.48
C PRO D 155 4.03 -26.85 2.77
N ALA D 156 4.43 -27.39 3.93
CA ALA D 156 3.90 -26.95 5.20
C ALA D 156 4.23 -25.50 5.58
N HIS D 157 5.38 -24.92 5.15
CA HIS D 157 5.61 -23.51 5.49
C HIS D 157 4.55 -22.59 4.84
N SER D 158 4.24 -21.50 5.53
CA SER D 158 3.19 -20.61 5.03
C SER D 158 3.73 -19.24 4.64
N ASP D 159 5.03 -19.14 4.33
CA ASP D 159 5.72 -17.91 3.92
C ASP D 159 7.03 -18.35 3.27
N PRO D 160 7.75 -17.43 2.59
CA PRO D 160 9.02 -17.77 1.96
C PRO D 160 9.95 -18.60 2.86
N VAL D 161 10.61 -19.59 2.24
CA VAL D 161 11.61 -20.42 2.91
C VAL D 161 12.99 -19.82 2.68
N SER D 162 13.72 -19.59 3.76
CA SER D 162 14.95 -18.82 3.74
C SER D 162 16.22 -19.67 3.75
N ALA D 163 16.17 -20.92 4.25
CA ALA D 163 17.33 -21.80 4.37
C ALA D 163 16.84 -23.25 4.40
N VAL D 164 17.64 -24.16 3.83
CA VAL D 164 17.41 -25.61 3.91
C VAL D 164 18.75 -26.32 4.09
N HIS D 165 18.77 -27.41 4.85
CA HIS D 165 20.03 -28.08 5.17
C HIS D 165 19.76 -29.53 5.59
N PHE D 166 20.55 -30.44 5.04
CA PHE D 166 20.52 -31.83 5.50
C PHE D 166 21.36 -32.01 6.77
N ASN D 167 20.96 -32.97 7.61
CA ASN D 167 21.82 -33.38 8.72
C ASN D 167 22.89 -34.33 8.22
N ARG D 168 23.65 -34.92 9.17
CA ARG D 168 24.94 -35.48 8.82
C ARG D 168 24.82 -36.79 8.06
N ASP D 169 23.75 -37.57 8.28
CA ASP D 169 23.57 -38.72 7.41
C ASP D 169 22.49 -38.49 6.37
N GLY D 170 22.01 -37.24 6.22
CA GLY D 170 20.99 -36.93 5.23
C GLY D 170 19.58 -37.42 5.54
N SER D 171 19.34 -38.01 6.72
CA SER D 171 18.02 -38.54 7.03
C SER D 171 17.04 -37.45 7.46
N LEU D 172 17.53 -36.24 7.75
CA LEU D 172 16.70 -35.11 8.16
C LEU D 172 17.05 -33.90 7.32
N ILE D 173 16.04 -33.09 7.06
CA ILE D 173 16.15 -31.74 6.53
C ILE D 173 15.65 -30.76 7.58
N VAL D 174 16.35 -29.64 7.75
CA VAL D 174 15.83 -28.52 8.52
C VAL D 174 15.60 -27.37 7.54
N SER D 175 14.48 -26.68 7.71
CA SER D 175 14.14 -25.52 6.90
C SER D 175 13.73 -24.37 7.81
N SER D 176 13.93 -23.14 7.34
CA SER D 176 13.47 -21.99 8.09
C SER D 176 12.61 -21.11 7.19
N SER D 177 11.77 -20.29 7.80
CA SER D 177 10.81 -19.55 7.01
C SER D 177 10.40 -18.23 7.68
N TYR D 178 9.91 -17.32 6.83
CA TYR D 178 9.38 -16.03 7.33
C TYR D 178 8.11 -16.27 8.14
N ASP D 179 7.60 -17.50 8.17
CA ASP D 179 6.42 -17.82 9.01
C ASP D 179 6.83 -17.91 10.49
N GLY D 180 8.12 -17.82 10.77
CA GLY D 180 8.62 -17.82 12.16
C GLY D 180 8.95 -19.21 12.64
N LEU D 181 8.95 -20.18 11.73
CA LEU D 181 9.15 -21.57 12.18
C LEU D 181 10.40 -22.24 11.60
N CYS D 182 10.99 -23.14 12.37
CA CYS D 182 12.04 -24.03 11.84
C CYS D 182 11.39 -25.39 11.86
N ARG D 183 11.39 -26.08 10.74
CA ARG D 183 10.75 -27.41 10.64
C ARG D 183 11.81 -28.47 10.36
N ILE D 184 11.73 -29.59 11.07
CA ILE D 184 12.63 -30.73 10.82
C ILE D 184 11.83 -31.78 10.05
N TRP D 185 12.35 -32.20 8.91
CA TRP D 185 11.57 -33.09 8.04
C TRP D 185 12.30 -34.39 7.90
N ASP D 186 11.50 -35.48 7.84
CA ASP D 186 12.03 -36.80 7.55
C ASP D 186 12.29 -36.85 6.06
N THR D 187 13.56 -37.00 5.65
CA THR D 187 13.88 -37.02 4.23
C THR D 187 13.09 -38.11 3.50
N ALA D 188 13.06 -39.31 4.07
CA ALA D 188 12.50 -40.46 3.35
C ALA D 188 11.03 -40.26 3.02
N SER D 189 10.23 -39.92 4.03
CA SER D 189 8.78 -39.80 3.87
C SER D 189 8.35 -38.43 3.42
N GLY D 190 9.15 -37.39 3.69
CA GLY D 190 8.71 -36.03 3.47
C GLY D 190 7.88 -35.43 4.58
N GLN D 191 7.44 -36.22 5.54
CA GLN D 191 6.58 -35.71 6.60
C GLN D 191 7.37 -34.91 7.63
N CYS D 192 6.73 -33.89 8.21
CA CYS D 192 7.37 -33.05 9.22
C CYS D 192 7.42 -33.77 10.58
N LEU D 193 8.61 -33.86 11.18
CA LEU D 193 8.77 -34.53 12.46
C LEU D 193 8.69 -33.58 13.65
N LYS D 194 9.09 -32.33 13.48
CA LYS D 194 9.19 -31.42 14.61
C LYS D 194 9.24 -30.00 14.09
N THR D 195 8.68 -29.08 14.87
CA THR D 195 8.90 -27.66 14.65
C THR D 195 9.53 -27.07 15.90
N LEU D 196 10.48 -26.15 15.71
CA LEU D 196 11.06 -25.41 16.84
C LEU D 196 10.48 -23.97 17.02
N ASN D 201 8.63 -15.45 17.72
CA ASN D 201 7.98 -15.63 16.43
C ASN D 201 8.41 -14.71 15.22
N PRO D 202 9.54 -14.00 15.26
CA PRO D 202 9.94 -13.21 14.05
C PRO D 202 10.35 -14.14 12.93
N PRO D 203 10.48 -13.64 11.70
CA PRO D 203 10.91 -14.51 10.60
C PRO D 203 12.24 -15.17 10.95
N VAL D 204 12.36 -16.44 10.60
CA VAL D 204 13.62 -17.16 10.71
C VAL D 204 14.32 -17.03 9.37
N SER D 205 15.52 -16.43 9.39
CA SER D 205 16.23 -16.02 8.19
C SER D 205 17.32 -16.99 7.79
N PHE D 206 17.67 -17.94 8.64
CA PHE D 206 18.80 -18.84 8.47
C PHE D 206 18.68 -19.99 9.47
N VAL D 207 19.09 -21.18 9.04
CA VAL D 207 19.20 -22.35 9.91
C VAL D 207 20.20 -23.31 9.27
N LYS D 208 20.93 -24.04 10.10
CA LYS D 208 21.77 -25.12 9.61
C LYS D 208 22.08 -26.07 10.78
N PHE D 209 22.34 -27.32 10.44
CA PHE D 209 22.79 -28.29 11.44
C PHE D 209 24.27 -28.07 11.78
N SER D 210 24.62 -28.34 13.04
CA SER D 210 26.02 -28.22 13.46
C SER D 210 26.90 -29.31 12.81
N PRO D 211 28.19 -29.02 12.58
CA PRO D 211 29.08 -30.05 12.00
C PRO D 211 29.10 -31.36 12.76
N ASN D 212 28.92 -31.34 14.08
CA ASN D 212 28.88 -32.58 14.85
C ASN D 212 27.55 -33.29 14.65
N GLY D 213 26.47 -32.53 14.48
CA GLY D 213 25.15 -33.08 14.26
C GLY D 213 24.17 -32.87 15.40
N LYS D 214 24.64 -32.48 16.59
CA LYS D 214 23.73 -32.43 17.75
C LYS D 214 22.79 -31.23 17.70
N TYR D 215 23.23 -30.12 17.11
CA TYR D 215 22.54 -28.86 17.26
C TYR D 215 22.07 -28.25 15.94
N ILE D 216 21.22 -27.26 16.10
CA ILE D 216 20.81 -26.39 15.01
C ILE D 216 21.11 -24.95 15.38
N LEU D 217 21.68 -24.19 14.44
CA LEU D 217 21.90 -22.76 14.58
C LEU D 217 20.83 -22.01 13.79
N ALA D 218 20.08 -21.14 14.43
CA ALA D 218 19.01 -20.41 13.74
C ALA D 218 19.12 -18.91 13.98
N ALA D 219 18.94 -18.14 12.91
CA ALA D 219 18.86 -16.67 12.97
C ALA D 219 17.44 -16.18 12.80
N THR D 220 17.09 -15.14 13.56
CA THR D 220 15.81 -14.49 13.34
C THR D 220 16.01 -13.00 13.19
N LEU D 221 15.08 -12.35 12.48
CA LEU D 221 15.21 -10.93 12.13
C LEU D 221 14.95 -9.99 13.31
N ASP D 222 15.39 -10.39 14.48
CA ASP D 222 15.35 -9.57 15.69
C ASP D 222 16.75 -9.48 16.28
N ASN D 223 17.75 -9.42 15.39
CA ASN D 223 19.16 -9.27 15.76
C ASN D 223 19.62 -10.37 16.70
N THR D 224 19.20 -11.61 16.42
CA THR D 224 19.49 -12.74 17.32
C THR D 224 19.82 -14.02 16.56
N LEU D 225 20.88 -14.69 17.01
CA LEU D 225 21.18 -16.05 16.62
C LEU D 225 20.93 -16.96 17.81
N LYS D 226 20.47 -18.18 17.56
CA LYS D 226 20.24 -19.13 18.65
C LYS D 226 20.78 -20.50 18.27
N LEU D 227 21.39 -21.16 19.23
CA LEU D 227 21.81 -22.55 19.13
C LEU D 227 20.77 -23.44 19.80
N TRP D 228 20.29 -24.47 19.08
CA TRP D 228 19.25 -25.39 19.56
C TRP D 228 19.75 -26.81 19.66
N ASP D 229 19.42 -27.47 20.78
CA ASP D 229 19.47 -28.93 20.86
C ASP D 229 18.14 -29.43 20.32
N TYR D 230 18.15 -29.88 19.07
CA TYR D 230 16.87 -30.15 18.42
C TYR D 230 16.29 -31.47 18.89
N SER D 231 17.13 -32.46 19.22
CA SER D 231 16.61 -33.72 19.76
C SER D 231 15.81 -33.48 21.02
N LYS D 232 16.32 -32.61 21.89
CA LYS D 232 15.67 -32.22 23.14
C LYS D 232 14.70 -31.05 22.96
N GLY D 233 14.65 -30.42 21.79
CA GLY D 233 13.83 -29.24 21.61
C GLY D 233 14.15 -28.08 22.54
N LYS D 234 15.44 -27.82 22.79
CA LYS D 234 15.85 -26.83 23.79
C LYS D 234 16.91 -25.86 23.25
N CYS D 235 16.75 -24.57 23.54
CA CYS D 235 17.68 -23.52 23.14
C CYS D 235 18.78 -23.35 24.16
N LEU D 236 20.02 -23.58 23.72
CA LEU D 236 21.22 -23.65 24.58
C LEU D 236 21.99 -22.35 24.64
N LYS D 237 21.98 -21.55 23.58
CA LYS D 237 22.79 -20.33 23.54
C LYS D 237 22.09 -19.27 22.70
N THR D 238 22.40 -18.02 23.00
CA THR D 238 21.89 -16.89 22.25
C THR D 238 23.06 -15.95 21.98
N TYR D 239 23.18 -15.48 20.74
CA TYR D 239 24.25 -14.59 20.32
C TYR D 239 23.63 -13.31 19.77
N THR D 240 24.10 -12.17 20.27
CA THR D 240 23.56 -10.88 19.87
C THR D 240 24.69 -9.84 19.86
N GLY D 241 24.32 -8.59 19.59
CA GLY D 241 25.27 -7.52 19.41
C GLY D 241 25.38 -7.06 17.99
N HIS D 242 24.98 -7.90 17.04
CA HIS D 242 25.01 -7.58 15.63
C HIS D 242 23.65 -7.00 15.20
N LYS D 243 23.54 -6.59 13.95
CA LYS D 243 22.34 -5.99 13.39
C LYS D 243 21.80 -6.90 12.27
N ASN D 244 20.59 -7.41 12.46
CA ASN D 244 19.99 -8.31 11.48
C ASN D 244 18.47 -8.21 11.66
N GLU D 245 17.86 -7.35 10.85
CA GLU D 245 16.44 -7.10 10.89
C GLU D 245 15.77 -7.15 9.52
N LYS D 246 16.54 -7.20 8.44
CA LYS D 246 16.05 -7.08 7.08
C LYS D 246 16.52 -8.19 6.15
N TYR D 247 17.79 -8.56 6.17
CA TYR D 247 18.33 -9.48 5.18
C TYR D 247 18.52 -10.87 5.78
N CYS D 248 18.44 -11.88 4.93
CA CYS D 248 18.69 -13.25 5.39
C CYS D 248 20.18 -13.47 5.32
N ILE D 249 20.83 -13.38 6.47
CA ILE D 249 22.28 -13.45 6.57
C ILE D 249 22.71 -14.86 6.99
N PHE D 250 23.68 -15.42 6.27
CA PHE D 250 24.09 -16.79 6.50
C PHE D 250 25.10 -16.80 7.66
N ALA D 251 24.92 -17.69 8.62
CA ALA D 251 25.86 -17.79 9.73
C ALA D 251 26.61 -19.11 9.63
N ASN D 252 27.63 -19.30 10.49
CA ASN D 252 28.40 -20.53 10.42
C ASN D 252 28.98 -20.94 11.77
N PHE D 253 29.35 -22.21 11.82
CA PHE D 253 30.21 -22.76 12.86
C PHE D 253 31.65 -22.75 12.36
N SER D 254 32.55 -22.26 13.19
CA SER D 254 33.98 -22.33 12.92
C SER D 254 34.56 -23.28 13.97
N VAL D 255 35.12 -24.39 13.51
CA VAL D 255 35.59 -25.45 14.40
C VAL D 255 37.02 -25.89 14.10
N THR D 256 37.71 -25.24 13.18
CA THR D 256 39.04 -25.70 12.82
C THR D 256 40.08 -25.30 13.85
N GLY D 257 39.86 -24.19 14.54
CA GLY D 257 40.71 -23.76 15.63
C GLY D 257 39.93 -23.83 16.93
N GLY D 258 39.60 -22.69 17.47
CA GLY D 258 38.66 -22.65 18.55
C GLY D 258 37.25 -22.85 17.98
N LYS D 259 36.27 -22.72 18.84
CA LYS D 259 34.88 -22.95 18.43
C LYS D 259 34.13 -21.64 18.47
N TRP D 260 33.79 -21.12 17.28
CA TRP D 260 33.21 -19.81 17.13
C TRP D 260 31.91 -19.90 16.34
N ILE D 261 31.04 -18.93 16.58
CA ILE D 261 29.93 -18.64 15.70
C ILE D 261 30.31 -17.41 14.87
N VAL D 262 30.04 -17.47 13.56
CA VAL D 262 30.43 -16.42 12.63
C VAL D 262 29.18 -15.97 11.88
N SER D 263 28.98 -14.66 11.74
CA SER D 263 27.85 -14.15 10.98
C SER D 263 28.15 -12.77 10.43
N GLY D 264 27.54 -12.46 9.30
CA GLY D 264 27.49 -11.11 8.81
C GLY D 264 26.53 -10.28 9.61
N SER D 265 26.46 -9.00 9.21
CA SER D 265 25.66 -8.02 9.93
C SER D 265 25.30 -6.89 8.98
N GLU D 266 24.25 -6.18 9.34
CA GLU D 266 23.73 -5.07 8.57
C GLU D 266 24.46 -3.76 8.85
N ASP D 267 25.42 -3.78 9.78
CA ASP D 267 26.33 -2.66 10.01
C ASP D 267 27.66 -2.88 9.29
N ASN D 268 27.66 -3.78 8.31
CA ASN D 268 28.77 -4.05 7.40
C ASN D 268 29.94 -4.79 8.06
N LEU D 269 29.75 -5.41 9.22
CA LEU D 269 30.84 -6.10 9.90
C LEU D 269 30.58 -7.60 9.89
N VAL D 270 31.66 -8.36 10.03
CA VAL D 270 31.59 -9.77 10.37
C VAL D 270 31.77 -9.90 11.88
N TYR D 271 30.77 -10.51 12.53
CA TYR D 271 30.83 -10.79 13.96
C TYR D 271 31.29 -12.21 14.22
N ILE D 272 32.19 -12.38 15.20
CA ILE D 272 32.64 -13.70 15.67
C ILE D 272 32.38 -13.80 17.17
N TRP D 273 31.65 -14.83 17.57
CA TRP D 273 31.35 -15.09 18.97
C TRP D 273 32.05 -16.34 19.47
N ASN D 274 32.42 -16.32 20.76
CA ASN D 274 32.74 -17.55 21.47
C ASN D 274 31.49 -18.42 21.58
N LEU D 275 31.55 -19.64 21.05
CA LEU D 275 30.33 -20.45 20.98
C LEU D 275 29.80 -20.77 22.38
N GLN D 276 30.68 -21.05 23.34
CA GLN D 276 30.23 -21.36 24.69
C GLN D 276 29.92 -20.15 25.54
N THR D 277 30.74 -19.10 25.51
CA THR D 277 30.44 -17.96 26.37
C THR D 277 29.45 -16.96 25.76
N LYS D 278 29.20 -17.02 24.45
CA LYS D 278 28.31 -16.10 23.76
C LYS D 278 28.93 -14.72 23.66
N GLU D 279 30.19 -14.57 24.09
CA GLU D 279 30.82 -13.27 24.00
C GLU D 279 31.30 -12.98 22.59
N ILE D 280 31.11 -11.73 22.15
CA ILE D 280 31.72 -11.26 20.91
C ILE D 280 33.23 -11.25 21.11
N VAL D 281 33.95 -11.98 20.26
CA VAL D 281 35.41 -11.97 20.35
C VAL D 281 36.09 -11.17 19.25
N GLN D 282 35.45 -10.97 18.10
CA GLN D 282 36.02 -10.15 17.04
C GLN D 282 34.91 -9.54 16.21
N LYS D 283 35.16 -8.34 15.69
CA LYS D 283 34.33 -7.76 14.62
C LYS D 283 35.25 -7.35 13.49
N LEU D 284 35.03 -7.92 12.30
CA LEU D 284 35.93 -7.73 11.17
C LEU D 284 35.42 -6.58 10.31
N GLN D 285 36.25 -5.53 10.19
CA GLN D 285 35.90 -4.30 9.48
C GLN D 285 36.52 -4.28 8.08
N GLY D 286 35.81 -3.65 7.15
CA GLY D 286 36.28 -3.60 5.77
C GLY D 286 35.19 -3.50 4.71
N HIS D 287 34.13 -4.32 4.84
CA HIS D 287 33.04 -4.22 3.87
C HIS D 287 32.35 -2.86 3.97
N THR D 288 31.69 -2.46 2.87
CA THR D 288 30.98 -1.18 2.78
C THR D 288 29.48 -1.37 2.54
N ASP D 289 28.97 -2.59 2.75
CA ASP D 289 27.55 -2.87 2.68
C ASP D 289 27.29 -4.07 3.58
N VAL D 290 26.00 -4.32 3.82
CA VAL D 290 25.51 -5.49 4.55
C VAL D 290 26.31 -6.71 4.17
N VAL D 291 26.85 -7.44 5.15
CA VAL D 291 27.55 -8.68 4.87
C VAL D 291 26.51 -9.79 4.89
N ILE D 292 26.15 -10.31 3.72
CA ILE D 292 25.00 -11.22 3.63
C ILE D 292 25.43 -12.69 3.81
N SER D 293 26.71 -12.99 3.64
CA SER D 293 27.13 -14.38 3.57
C SER D 293 28.51 -14.51 4.20
N THR D 294 28.70 -15.57 4.99
CA THR D 294 30.00 -15.95 5.52
C THR D 294 30.14 -17.46 5.35
N ALA D 295 31.38 -17.89 5.18
CA ALA D 295 31.68 -19.31 5.05
C ALA D 295 32.98 -19.56 5.80
N CYS D 296 33.12 -20.78 6.30
CA CYS D 296 34.34 -21.13 7.02
C CYS D 296 34.99 -22.31 6.31
N HIS D 297 36.32 -22.22 6.10
CA HIS D 297 37.08 -23.23 5.37
C HIS D 297 37.07 -24.57 6.14
N PRO D 298 36.98 -25.72 5.47
CA PRO D 298 36.81 -26.98 6.20
C PRO D 298 38.03 -27.44 6.99
N THR D 299 39.26 -27.03 6.65
CA THR D 299 40.42 -27.52 7.40
C THR D 299 41.31 -26.41 7.97
N GLU D 300 41.34 -25.24 7.35
CA GLU D 300 42.18 -24.13 7.81
C GLU D 300 41.33 -23.05 8.43
N ASN D 301 41.97 -22.12 9.15
CA ASN D 301 41.25 -21.05 9.84
C ASN D 301 41.13 -19.88 8.87
N ILE D 302 40.20 -20.03 7.92
CA ILE D 302 39.94 -19.03 6.88
C ILE D 302 38.43 -18.77 6.84
N ILE D 303 38.04 -17.50 6.85
CA ILE D 303 36.65 -17.07 6.68
C ILE D 303 36.54 -16.34 5.36
N ALA D 304 35.45 -16.60 4.63
CA ALA D 304 35.09 -15.79 3.47
C ALA D 304 33.81 -15.02 3.81
N SER D 305 33.73 -13.78 3.34
CA SER D 305 32.52 -13.01 3.55
C SER D 305 32.12 -12.33 2.25
N ALA D 306 30.84 -12.02 2.11
CA ALA D 306 30.36 -11.41 0.87
C ALA D 306 29.34 -10.34 1.20
N ALA D 307 29.31 -9.26 0.41
CA ALA D 307 28.50 -8.11 0.76
C ALA D 307 27.62 -7.65 -0.41
N LEU D 308 26.65 -6.79 -0.10
CA LEU D 308 25.59 -6.39 -1.04
C LEU D 308 26.02 -5.18 -1.92
N GLU D 309 25.04 -4.47 -2.51
CA GLU D 309 25.24 -3.76 -3.77
C GLU D 309 26.22 -2.59 -3.65
N ASN D 310 26.34 -1.98 -2.48
CA ASN D 310 27.31 -0.90 -2.33
C ASN D 310 28.74 -1.40 -2.20
N ASP D 311 28.94 -2.71 -2.10
CA ASP D 311 30.26 -3.29 -1.93
C ASP D 311 30.62 -4.22 -3.07
N LYS D 312 29.87 -5.31 -3.26
CA LYS D 312 30.04 -6.25 -4.37
C LYS D 312 31.29 -7.11 -4.27
N THR D 313 31.99 -7.14 -3.13
CA THR D 313 33.23 -7.91 -3.01
C THR D 313 33.09 -9.07 -2.03
N ILE D 314 33.97 -10.02 -2.22
CA ILE D 314 34.26 -11.11 -1.30
C ILE D 314 35.54 -10.77 -0.54
N LYS D 315 35.55 -11.00 0.75
CA LYS D 315 36.79 -10.86 1.54
C LYS D 315 37.19 -12.21 2.13
N LEU D 316 38.51 -12.48 2.13
CA LEU D 316 39.08 -13.63 2.79
C LEU D 316 39.93 -13.16 3.96
N TRP D 317 39.69 -13.78 5.13
CA TRP D 317 40.29 -13.46 6.42
C TRP D 317 40.96 -14.69 7.01
N LYS D 318 42.12 -14.53 7.68
CA LYS D 318 42.83 -15.70 8.21
C LYS D 318 43.32 -15.43 9.62
N SER D 319 43.34 -16.52 10.43
CA SER D 319 43.64 -16.49 11.86
C SER D 319 44.55 -17.64 12.28
N ASP D 320 45.23 -17.45 13.43
CA ASP D 320 46.07 -18.50 14.03
C ASP D 320 45.27 -19.51 14.85
N CYS D 321 44.02 -19.19 15.20
CA CYS D 321 43.18 -20.08 16.04
C CYS D 321 41.70 -19.78 15.79
S SCN E . -42.06 34.38 -7.69
C SCN E . -43.06 35.37 -6.57
N SCN E . -43.77 36.01 -5.86
S SCN F . -38.80 38.00 -16.10
C SCN F . -38.49 39.29 -14.88
N SCN F . -38.31 40.09 -14.02
S SCN G . -51.42 33.36 -19.96
C SCN G . -51.11 31.64 -20.44
N SCN G . -50.84 30.55 -20.79
C1 EDO H . -34.21 20.91 -0.24
O1 EDO H . -33.28 19.96 0.26
C2 EDO H . -33.60 22.06 -1.01
O2 EDO H . -33.45 21.73 -2.39
C1 EDO I . -51.64 37.17 -10.73
O1 EDO I . -50.31 37.72 -10.72
C2 EDO I . -52.35 37.74 -11.95
O2 EDO I . -52.18 36.83 -13.03
O1 P6G J . -18.09 41.45 -3.41
C2 P6G J . -18.87 42.60 -3.13
C3 P6G J . -18.37 43.31 -1.90
O4 P6G J . -19.20 43.28 -0.78
C5 P6G J . -19.09 42.16 0.06
C6 P6G J . -20.45 42.04 0.68
O7 P6G J . -21.20 41.08 -0.01
C8 P6G J . -21.38 41.16 -1.41
C9 P6G J . -20.78 39.95 -2.08
O10 P6G J . -20.68 40.06 -3.49
C11 P6G J . -19.96 39.02 -4.11
C12 P6G J . -18.63 38.67 -3.48
O13 P6G J . -17.66 38.39 -4.48
C14 P6G J . -16.32 38.13 -4.10
C15 P6G J . -15.71 37.16 -5.10
O16 P6G J . -16.74 36.29 -5.54
C17 P6G J . -17.01 36.32 -6.94
C18 P6G J . -18.23 35.51 -7.31
O19 P6G J . -18.12 34.93 -8.60
S SCN K . -24.70 7.76 -5.57
C SCN K . -24.01 7.54 -7.22
N SCN K . -23.58 7.41 -8.31
C1 EDO L . -25.25 26.53 -13.57
O1 EDO L . -25.09 27.89 -13.96
C2 EDO L . -26.28 26.45 -12.45
O2 EDO L . -27.51 26.97 -12.97
S SCN M . -13.83 -14.24 6.23
C SCN M . -13.15 -15.29 7.50
N SCN M . -12.68 -15.94 8.38
S SCN N . -12.55 16.82 3.14
C SCN N . -12.57 18.43 2.34
N SCN N . -12.61 19.43 1.76
S SCN O . -5.15 -4.82 17.69
C SCN O . -3.90 -6.03 17.44
N SCN O . -3.10 -6.88 17.32
S SCN P . -11.22 13.80 3.59
C SCN P . -9.69 12.86 3.89
N SCN P . -8.69 12.26 4.07
S SCN Q . 1.85 7.48 -3.02
C SCN Q . 1.69 6.68 -1.42
N SCN Q . 1.56 6.15 -0.38
S SCN R . -0.71 19.24 8.08
C SCN R . -0.76 20.58 6.89
N SCN R . -0.75 21.50 6.14
C1 EDO S . -7.92 9.52 -11.55
O1 EDO S . -7.49 10.83 -11.08
C2 EDO S . -9.45 9.35 -11.43
O2 EDO S . -9.79 9.15 -10.05
C1 EDO T . -5.35 36.99 1.65
O1 EDO T . -5.66 37.01 3.02
C2 EDO T . -6.67 36.76 0.90
O2 EDO T . -6.40 36.79 -0.51
C1 EDO U . 47.53 -14.81 9.55
O1 EDO U . 47.45 -16.15 9.02
C2 EDO U . 46.75 -14.73 10.85
O2 EDO U . 46.13 -13.44 10.96
S SCN V . 7.03 -33.58 -6.33
C SCN V . 6.66 -32.76 -7.89
N SCN V . 6.49 -32.19 -8.90
S SCN W . 0.39 -17.13 3.82
C SCN W . 1.57 -16.07 2.98
N SCN W . 2.47 -15.47 2.51
S SCN X . 34.30 -27.28 23.77
C SCN X . 34.33 -25.61 23.23
N SCN X . 34.33 -24.49 22.90
S SCN Y . 21.70 -2.94 0.78
C SCN Y . 21.86 -1.62 1.98
N SCN Y . 22.11 -0.77 2.76
S SCN Z . 28.58 -27.46 18.00
C SCN Z . 30.05 -26.84 17.26
N SCN Z . 31.02 -26.36 16.81
C1 Q3X AA . -5.42 -5.67 -4.22
O1 Q3X AA . -2.08 -5.79 6.01
C2 Q3X AA . -6.05 -3.56 -4.05
O2 Q3X AA . 0.88 -9.16 4.25
C3 Q3X AA . -4.89 -5.39 -2.99
C4 Q3X AA . -4.02 -6.20 -2.12
O4 Q3X AA . 4.38 -9.94 9.01
N Q3X AA . -6.06 -4.60 -4.83
C Q3X AA . -5.43 -6.99 -4.92
O Q3X AA . 0.18 -7.29 1.64
C10 Q3X AA . -1.04 -7.30 3.73
C11 Q3X AA . -1.71 -5.92 3.65
C12 Q3X AA . -1.28 -5.25 4.96
C13 Q3X AA . 0.17 -5.71 5.12
C14 Q3X AA . 1.01 -8.09 4.80
C15 Q3X AA . 2.18 -7.87 5.75
C16 Q3X AA . 2.05 -9.18 7.82
C17 Q3X AA . 2.19 -10.56 8.45
C18 Q3X AA . 3.21 -10.54 9.56
C19 Q3X AA . 5.25 -9.39 10.00
C20 Q3X AA . 6.63 -9.28 9.43
C21 Q3X AA . 7.03 -10.48 7.39
C22 Q3X AA . 8.32 -9.84 7.01
C23 Q3X AA . 8.45 -8.10 5.43
C24 Q3X AA . 9.20 -7.92 4.16
C25 Q3X AA . 8.11 -9.41 2.64
C26 Q3X AA . 8.43 -9.57 1.16
C27 Q3X AA . 9.82 -11.53 1.45
C28 Q3X AA . 11.17 -12.17 1.31
C29 Q3X AA . 12.17 -11.65 0.50
C30 Q3X AA . 13.40 -12.27 0.39
C31 Q3X AA . 13.67 -13.45 1.08
C32 Q3X AA . 14.99 -14.13 0.93
C33 Q3X AA . 15.36 -15.20 1.75
C34 Q3X AA . 16.60 -15.83 1.62
C35 Q3X AA . 17.50 -15.39 0.65
C36 Q3X AA . 19.12 -17.11 1.26
C37 Q3X AA . 20.45 -17.67 0.82
C38 Q3X AA . 22.82 -17.29 0.62
C39 Q3X AA . 21.26 -15.46 0.38
C40 Q3X AA . 19.89 -14.89 0.77
C41 Q3X AA . 17.11 -14.36 -0.22
C42 Q3X AA . 18.33 -12.71 -1.61
C43 Q3X AA . 18.83 -12.49 -3.00
C44 Q3X AA . 18.05 -12.95 -4.06
C45 Q3X AA . 19.56 -12.22 -5.61
C46 Q3X AA . 20.43 -11.74 -4.62
C47 Q3X AA . 20.05 -11.86 -3.29
C48 Q3X AA . 20.98 -11.37 -2.22
C49 Q3X AA . 15.87 -13.71 -0.07
C5 Q3X AA . -3.01 -6.97 -2.66
C50 Q3X AA . 12.66 -13.97 1.90
C51 Q3X AA . 11.44 -13.34 2.03
C52 Q3X AA . 3.49 -7.51 4.98
C53 Q3X AA . 3.26 -6.36 3.98
C54 Q3X AA . 3.98 -8.75 4.23
C55 Q3X AA . 4.57 -7.07 5.99
C56 Q3X AA . -3.42 -7.02 0.07
C57 Q3X AA . -4.21 -6.21 -0.74
C6 Q3X AA . -2.23 -7.78 -1.85
C7 Q3X AA . -2.44 -7.85 -0.48
C8 Q3X AA . -1.72 -8.87 0.36
C9 Q3X AA . -0.76 -7.75 2.29
F Q3X AA . 20.52 -10.34 -1.54
F1 Q3X AA . 21.14 -12.28 -1.29
F2 Q3X AA . 22.17 -10.96 -2.70
N1 Q3X AA . -1.65 -8.59 1.78
N2 Q3X AA . 0.14 -7.08 4.57
N3 Q3X AA . 2.35 -9.09 6.52
N4 Q3X AA . 9.66 -10.31 0.94
N5 Q3X AA . 18.83 -15.88 0.53
N6 Q3X AA . 21.52 -16.72 1.07
N7 Q3X AA . 17.91 -13.98 -1.33
N8 Q3X AA . 18.39 -12.83 -5.34
O10 Q3X AA . 19.85 -12.05 -6.88
O3 Q3X AA . 1.72 -8.22 8.49
O5 Q3X AA . 6.96 -10.52 8.82
O6 Q3X AA . 8.24 -9.49 5.63
O7 Q3X AA . 8.36 -8.09 3.05
O8 Q3X AA . 8.91 -12.10 2.03
O9 Q3X AA . 18.16 -11.77 -0.84
S Q3X AA . -5.26 -3.76 -2.54
C1 EDO BA . 18.99 -39.54 2.27
O1 EDO BA . 19.50 -38.20 2.17
C2 EDO BA . 20.11 -40.47 2.72
O2 EDO BA . 21.21 -40.32 1.80
C1 EDO CA . 13.95 -38.89 -1.11
O1 EDO CA . 13.54 -39.88 -2.06
C2 EDO CA . 12.72 -38.00 -0.93
O2 EDO CA . 11.72 -38.74 -0.23
C1 EDO DA . 27.99 -32.14 0.62
O1 EDO DA . 28.57 -30.82 0.64
C2 EDO DA . 27.23 -32.36 1.90
O2 EDO DA . 26.34 -31.24 1.93
C1 EDO EA . 5.63 -36.40 14.18
O1 EDO EA . 5.19 -37.42 15.07
C2 EDO EA . 4.37 -35.83 13.52
O2 EDO EA . 3.74 -36.83 12.70
C1 EDO FA . 28.16 -28.30 4.89
O1 EDO FA . 27.23 -28.42 5.97
C2 EDO FA . 27.38 -28.07 3.61
O2 EDO FA . 26.20 -28.88 3.59
C1 EDO GA . 44.06 -22.22 -3.70
O1 EDO GA . 44.15 -20.80 -3.60
C2 EDO GA . 43.59 -22.68 -5.10
O2 EDO GA . 43.24 -24.04 -5.02
C1 EDO HA . 34.94 -25.66 9.85
O1 EDO HA . 35.18 -24.44 10.58
C2 EDO HA . 33.87 -25.52 8.77
O2 EDO HA . 32.54 -25.42 9.33
#